data_1YTU
#
_entry.id   1YTU
#
_cell.length_a   238.747
_cell.length_b   238.747
_cell.length_c   52.042
_cell.angle_alpha   90.00
_cell.angle_beta   90.00
_cell.angle_gamma   120.00
#
_symmetry.space_group_name_H-M   'H 3'
#
loop_
_entity.id
_entity.type
_entity.pdbx_description
1 polymer "5'-R(P*AP*GP*AP*CP*AP*G)-3'"
2 polymer "5'-R(P*UP*GP*UP*C)-3'"
3 polymer 'hypothetical protein AF1318'
4 non-polymer 'MAGNESIUM ION'
5 water water
#
loop_
_entity_poly.entity_id
_entity_poly.type
_entity_poly.pdbx_seq_one_letter_code
_entity_poly.pdbx_strand_id
1 'polyribonucleotide' AGACAG C,E
2 'polyribonucleotide' UGUC D,F
3 'polypeptide(L)'
;(MSE)(MSE)EYKIVENGLTYRIGNGASVPISNTGELIKGLRNYGPYEVPSLKYNQIALIHNNQFSSLINQLKSQISSKI
DEVWHIHNINISEFIYDSPHFDSIKSQVDNAIDTGVDGI(MSE)LVLPEYNTPLYYKLKSYLINSIPSQF(MSE)RYDIL
SNRNLTFYVDNLLVQFVSKLGGKPWILNVDPEKGSDIIIGTGATRIDNVNLFCFA(MSE)VFKKDGT(MSE)LWNEISPI
VTSSEYLTYLKSTIKKVVYGFKKSNPDWDVEKLTLHVSGKRPK(MSE)KDGETKILKETVEELKKQE(MSE)VSRDVKYA
ILHLNETHPFWV(MSE)GDPNNRFHPYEGTKVKLSSKRYLLTLLQPYLKRNGLE(MSE)VTPIKPLSVEIVSDNWTSEEY
YHNVHEILDEIYYLSK(MSE)NWRGFRSRNLPVTVNYPKLVAGIIANVNRYGGYPINPEGNRSLQTNPWFL
;
A,B
#
# COMPACT_ATOMS: atom_id res chain seq x y z
N GLU E 3 16.26 -1.47 17.04
CA GLU E 3 17.00 -2.49 17.78
C GLU E 3 16.58 -3.84 17.17
N TYR E 4 17.52 -4.77 17.01
CA TYR E 4 17.16 -6.04 16.39
C TYR E 4 17.89 -7.26 16.94
N LYS E 5 17.28 -8.42 16.76
CA LYS E 5 17.77 -9.68 17.31
C LYS E 5 17.42 -10.79 16.30
N ILE E 6 18.36 -11.69 16.04
CA ILE E 6 18.17 -12.75 15.06
C ILE E 6 17.68 -13.99 15.78
N VAL E 7 16.68 -14.67 15.21
CA VAL E 7 16.25 -16.00 15.70
C VAL E 7 17.40 -17.04 15.70
N GLU E 8 17.61 -17.74 16.82
CA GLU E 8 18.65 -18.79 16.90
C GLU E 8 18.51 -19.76 15.73
N ASN E 9 19.56 -19.83 14.88
CA ASN E 9 19.41 -20.47 13.53
C ASN E 9 19.81 -21.96 13.38
N GLY E 10 19.72 -22.74 14.46
CA GLY E 10 19.90 -24.17 14.34
C GLY E 10 18.61 -24.98 14.42
N LEU E 11 17.76 -24.96 13.39
CA LEU E 11 16.57 -25.82 13.52
C LEU E 11 16.10 -26.72 12.38
N THR E 12 15.40 -27.79 12.80
CA THR E 12 15.20 -28.97 11.95
C THR E 12 13.78 -29.51 11.88
N TYR E 13 13.49 -30.18 10.76
CA TYR E 13 12.27 -30.91 10.59
C TYR E 13 12.46 -32.30 11.14
N ARG E 14 11.42 -32.86 11.75
CA ARG E 14 11.42 -34.28 12.03
C ARG E 14 10.64 -35.00 10.97
N ILE E 15 11.23 -36.01 10.35
CA ILE E 15 10.49 -36.88 9.42
C ILE E 15 10.31 -38.26 10.03
N GLY E 16 10.18 -39.29 9.19
CA GLY E 16 9.99 -40.69 9.61
C GLY E 16 11.06 -41.27 10.51
N ASN E 17 10.67 -42.20 11.37
CA ASN E 17 11.59 -43.01 12.18
C ASN E 17 12.58 -42.24 13.02
N GLY E 18 12.15 -41.08 13.54
CA GLY E 18 12.98 -40.23 14.41
C GLY E 18 14.11 -39.48 13.68
N ALA E 19 14.12 -39.50 12.35
CA ALA E 19 15.18 -38.78 11.67
C ALA E 19 14.86 -37.28 11.54
N SER E 20 15.92 -36.51 11.47
CA SER E 20 15.86 -35.07 11.34
C SER E 20 16.58 -34.66 10.11
N VAL E 21 16.14 -33.57 9.51
CA VAL E 21 16.84 -33.02 8.37
C VAL E 21 16.85 -31.50 8.61
N PRO E 22 17.93 -30.80 8.22
CA PRO E 22 17.83 -29.34 8.34
C PRO E 22 16.72 -28.70 7.47
N ILE E 23 16.31 -27.48 7.84
CA ILE E 23 15.35 -26.76 7.02
C ILE E 23 16.04 -26.12 5.82
N SER E 24 15.27 -25.54 4.90
CA SER E 24 15.80 -24.74 3.78
C SER E 24 16.86 -25.45 2.95
N ASN E 25 16.62 -26.73 2.67
CA ASN E 25 17.55 -27.59 1.90
C ASN E 25 16.75 -28.76 1.33
N THR E 26 16.03 -28.47 0.25
CA THR E 26 15.11 -29.39 -0.37
C THR E 26 15.81 -30.71 -0.72
N GLY E 27 17.10 -30.61 -1.09
CA GLY E 27 17.88 -31.79 -1.43
C GLY E 27 17.91 -32.84 -0.34
N GLU E 28 18.34 -32.44 0.86
CA GLU E 28 18.46 -33.37 2.00
C GLU E 28 17.11 -33.83 2.60
N LEU E 29 16.06 -33.02 2.41
CA LEU E 29 14.70 -33.36 2.77
C LEU E 29 14.23 -34.55 1.95
N ILE E 30 14.31 -34.42 0.63
CA ILE E 30 13.88 -35.52 -0.24
C ILE E 30 14.73 -36.77 -0.01
N LYS E 31 16.03 -36.60 0.22
CA LYS E 31 16.86 -37.77 0.47
C LYS E 31 16.42 -38.44 1.75
N GLY E 32 16.22 -37.65 2.81
CA GLY E 32 15.63 -38.13 4.05
C GLY E 32 14.28 -38.87 3.95
N LEU E 33 13.35 -38.30 3.20
CA LEU E 33 12.08 -38.94 2.92
C LEU E 33 12.28 -40.30 2.26
N ARG E 34 13.26 -40.41 1.38
CA ARG E 34 13.44 -41.65 0.63
C ARG E 34 13.85 -42.72 1.59
N ASN E 35 14.80 -42.40 2.46
CA ASN E 35 15.36 -43.37 3.38
C ASN E 35 14.47 -43.61 4.58
N TYR E 36 13.93 -42.56 5.19
CA TYR E 36 13.19 -42.68 6.47
C TYR E 36 11.71 -42.59 6.34
N GLY E 37 11.26 -42.12 5.20
CA GLY E 37 9.83 -41.91 5.03
C GLY E 37 9.46 -40.58 5.67
N PRO E 38 8.22 -40.09 5.40
CA PRO E 38 7.70 -38.85 5.92
C PRO E 38 7.38 -39.05 7.38
N TYR E 39 7.28 -37.98 8.16
CA TYR E 39 6.91 -38.12 9.58
C TYR E 39 5.73 -39.10 9.86
N GLU E 40 4.71 -39.05 9.01
CA GLU E 40 3.60 -39.95 9.20
C GLU E 40 3.05 -40.29 7.83
N VAL E 41 3.08 -41.59 7.56
CA VAL E 41 2.62 -42.15 6.31
C VAL E 41 1.10 -42.27 6.42
N PRO E 42 0.33 -41.76 5.44
CA PRO E 42 -1.15 -41.86 5.62
C PRO E 42 -1.55 -43.30 5.54
N SER E 43 -2.58 -43.73 6.28
CA SER E 43 -3.14 -45.08 6.07
C SER E 43 -4.25 -45.00 5.03
N LEU E 44 -4.05 -45.68 3.93
CA LEU E 44 -5.06 -45.62 2.89
C LEU E 44 -5.89 -46.92 2.96
N LYS E 45 -7.20 -46.83 2.78
CA LYS E 45 -8.06 -48.01 2.85
C LYS E 45 -7.91 -48.92 1.60
N TYR E 46 -8.08 -48.34 0.40
CA TYR E 46 -8.18 -49.13 -0.83
C TYR E 46 -6.85 -49.30 -1.57
N ASN E 47 -5.79 -48.63 -1.08
CA ASN E 47 -4.54 -48.43 -1.82
C ASN E 47 -4.75 -48.04 -3.30
N GLN E 48 -5.69 -47.13 -3.53
CA GLN E 48 -6.19 -46.80 -4.88
C GLN E 48 -6.43 -45.29 -5.07
N ILE E 49 -5.87 -44.75 -6.14
CA ILE E 49 -6.08 -43.35 -6.50
C ILE E 49 -6.68 -43.29 -7.89
N ALA E 50 -7.63 -42.42 -8.10
CA ALA E 50 -8.18 -42.31 -9.42
C ALA E 50 -7.52 -41.13 -10.14
N LEU E 51 -7.23 -41.31 -11.42
CA LEU E 51 -6.76 -40.19 -12.25
C LEU E 51 -7.83 -39.87 -13.29
N ILE E 52 -8.37 -38.65 -13.25
CA ILE E 52 -9.57 -38.31 -14.05
C ILE E 52 -9.26 -37.19 -15.02
N HIS E 53 -9.32 -37.48 -16.32
CA HIS E 53 -8.90 -36.54 -17.37
C HIS E 53 -9.54 -36.87 -18.72
N ASN E 54 -9.45 -35.96 -19.68
CA ASN E 54 -9.79 -36.29 -21.05
C ASN E 54 -8.61 -36.25 -22.00
N ASN E 55 -7.60 -37.05 -21.71
CA ASN E 55 -6.46 -37.10 -22.62
C ASN E 55 -5.95 -38.45 -23.13
N GLN E 56 -6.88 -39.17 -23.77
CA GLN E 56 -6.61 -40.08 -24.88
C GLN E 56 -5.82 -41.33 -24.50
N PHE E 57 -4.51 -41.16 -24.64
CA PHE E 57 -3.45 -42.08 -24.32
C PHE E 57 -2.25 -41.15 -24.47
N SER E 58 -2.51 -39.84 -24.30
CA SER E 58 -1.48 -38.79 -24.22
C SER E 58 -0.24 -39.32 -23.51
N SER E 59 0.93 -39.15 -24.11
CA SER E 59 2.13 -39.70 -23.49
C SER E 59 2.51 -38.91 -22.25
N LEU E 60 1.83 -37.76 -22.05
CA LEU E 60 2.05 -36.90 -20.86
C LEU E 60 1.34 -37.40 -19.60
N ILE E 61 0.04 -37.71 -19.67
CA ILE E 61 -0.64 -38.39 -18.56
C ILE E 61 0.20 -39.60 -18.09
N ASN E 62 0.96 -40.16 -19.01
CA ASN E 62 1.74 -41.36 -18.81
C ASN E 62 3.06 -41.25 -18.05
N GLN E 63 3.86 -40.23 -18.36
CA GLN E 63 5.12 -40.00 -17.68
C GLN E 63 4.78 -39.51 -16.28
N LEU E 64 3.70 -38.71 -16.25
CA LEU E 64 3.04 -38.24 -15.04
C LEU E 64 2.63 -39.41 -14.15
N LYS E 65 1.81 -40.29 -14.73
CA LYS E 65 1.25 -41.43 -14.04
C LYS E 65 2.36 -42.19 -13.38
N SER E 66 3.43 -42.44 -14.13
CA SER E 66 4.45 -43.35 -13.65
C SER E 66 5.39 -42.64 -12.69
N GLN E 67 5.49 -41.33 -12.85
CA GLN E 67 6.28 -40.53 -11.94
C GLN E 67 5.56 -40.42 -10.59
N ILE E 68 4.24 -40.20 -10.63
CA ILE E 68 3.40 -40.17 -9.42
C ILE E 68 3.61 -41.46 -8.70
N SER E 69 3.37 -42.52 -9.46
CA SER E 69 3.47 -43.88 -9.02
C SER E 69 4.81 -44.25 -8.35
N SER E 70 5.93 -43.92 -8.96
CA SER E 70 7.20 -44.27 -8.34
C SER E 70 7.54 -43.36 -7.16
N LYS E 71 7.12 -42.11 -7.21
CA LYS E 71 7.43 -41.22 -6.09
C LYS E 71 6.56 -41.45 -4.85
N ILE E 72 5.25 -41.60 -5.05
CA ILE E 72 4.34 -41.88 -3.95
C ILE E 72 4.86 -43.07 -3.10
N ASP E 73 5.30 -44.13 -3.81
CA ASP E 73 6.05 -45.23 -3.23
C ASP E 73 7.48 -44.90 -2.68
N GLU E 74 8.37 -44.29 -3.48
CA GLU E 74 9.79 -44.19 -3.07
C GLU E 74 10.09 -43.01 -2.15
N VAL E 75 9.41 -41.88 -2.35
CA VAL E 75 9.60 -40.70 -1.51
C VAL E 75 8.71 -40.78 -0.28
N TRP E 76 7.45 -41.15 -0.48
CA TRP E 76 6.45 -41.07 0.56
C TRP E 76 6.17 -42.39 1.31
N HIS E 77 6.73 -43.50 0.84
CA HIS E 77 6.46 -44.82 1.41
C HIS E 77 5.00 -45.24 1.47
N ILE E 78 4.21 -44.85 0.49
CA ILE E 78 2.87 -45.42 0.34
C ILE E 78 2.99 -46.57 -0.67
N HIS E 79 2.86 -47.82 -0.21
CA HIS E 79 3.12 -49.01 -1.07
C HIS E 79 1.84 -49.58 -1.69
N ASN E 80 2.04 -50.46 -2.66
CA ASN E 80 0.94 -51.14 -3.40
C ASN E 80 -0.15 -50.24 -3.93
N ILE E 81 0.21 -49.05 -4.40
CA ILE E 81 -0.80 -48.11 -4.88
C ILE E 81 -1.06 -48.35 -6.33
N ASN E 82 -2.34 -48.38 -6.72
CA ASN E 82 -2.74 -48.45 -8.11
C ASN E 82 -3.43 -47.20 -8.52
N ILE E 83 -3.08 -46.71 -9.69
CA ILE E 83 -3.81 -45.60 -10.26
C ILE E 83 -4.72 -46.12 -11.35
N SER E 84 -6.03 -46.00 -11.14
CA SER E 84 -6.97 -46.27 -12.21
C SER E 84 -7.30 -44.96 -12.92
N GLU E 85 -7.49 -44.99 -14.24
CA GLU E 85 -7.83 -43.80 -15.04
C GLU E 85 -9.29 -43.75 -15.50
N PHE E 86 -9.86 -42.55 -15.50
CA PHE E 86 -11.23 -42.31 -15.95
C PHE E 86 -11.28 -41.13 -16.90
N ILE E 87 -11.93 -41.31 -18.04
CA ILE E 87 -11.90 -40.33 -19.12
C ILE E 87 -13.31 -39.76 -19.33
N TYR E 88 -13.40 -38.45 -19.54
CA TYR E 88 -14.70 -37.80 -19.72
C TYR E 88 -14.79 -37.13 -21.10
N ASP E 89 -15.99 -37.12 -21.71
CA ASP E 89 -16.19 -36.55 -23.07
C ASP E 89 -15.82 -35.09 -23.13
N SER E 90 -16.79 -34.26 -22.72
CA SER E 90 -16.68 -32.82 -22.74
C SER E 90 -16.08 -32.32 -21.41
N PRO E 91 -15.25 -31.24 -21.45
CA PRO E 91 -14.84 -30.64 -20.18
C PRO E 91 -15.95 -29.87 -19.44
N HIS E 92 -17.15 -30.41 -19.39
CA HIS E 92 -18.25 -29.73 -18.71
C HIS E 92 -18.43 -30.39 -17.37
N PHE E 93 -18.99 -29.66 -16.40
CA PHE E 93 -19.26 -30.21 -15.08
C PHE E 93 -19.79 -31.64 -15.09
N ASP E 94 -21.04 -31.80 -15.52
CA ASP E 94 -21.75 -33.07 -15.39
C ASP E 94 -20.95 -34.25 -15.92
N SER E 95 -20.24 -34.02 -17.02
CA SER E 95 -19.43 -35.05 -17.64
C SER E 95 -18.24 -35.49 -16.79
N ILE E 96 -17.62 -34.54 -16.09
CA ILE E 96 -16.51 -34.85 -15.19
C ILE E 96 -17.07 -35.48 -13.91
N LYS E 97 -18.10 -34.86 -13.33
CA LYS E 97 -18.75 -35.40 -12.14
C LYS E 97 -19.06 -36.88 -12.28
N SER E 98 -19.65 -37.27 -13.40
CA SER E 98 -19.97 -38.68 -13.57
C SER E 98 -18.72 -39.59 -13.48
N GLN E 99 -17.58 -39.13 -14.03
CA GLN E 99 -16.34 -39.89 -13.86
C GLN E 99 -15.81 -39.83 -12.43
N VAL E 100 -16.22 -38.79 -11.67
CA VAL E 100 -15.92 -38.71 -10.25
C VAL E 100 -16.67 -39.83 -9.52
N ASP E 101 -17.98 -39.82 -9.66
CA ASP E 101 -18.86 -40.85 -9.07
C ASP E 101 -18.48 -42.30 -9.41
N ASN E 102 -18.10 -42.54 -10.67
CA ASN E 102 -17.66 -43.89 -11.08
C ASN E 102 -16.47 -44.29 -10.26
N ALA E 103 -15.45 -43.45 -10.31
CA ALA E 103 -14.27 -43.60 -9.48
C ALA E 103 -14.63 -43.90 -8.03
N ILE E 104 -15.51 -43.10 -7.45
CA ILE E 104 -15.82 -43.26 -6.03
C ILE E 104 -16.40 -44.65 -5.73
N ASP E 105 -17.47 -45.03 -6.43
CA ASP E 105 -18.10 -46.29 -6.12
C ASP E 105 -17.22 -47.47 -6.53
N THR E 106 -16.14 -47.22 -7.27
CA THR E 106 -15.11 -48.28 -7.40
C THR E 106 -14.19 -48.39 -6.16
N GLY E 107 -14.26 -47.42 -5.26
CA GLY E 107 -13.47 -47.49 -4.03
C GLY E 107 -12.09 -46.88 -4.20
N VAL E 108 -11.98 -45.57 -4.01
CA VAL E 108 -10.71 -44.84 -4.14
C VAL E 108 -10.39 -44.04 -2.88
N ASP E 109 -9.13 -44.03 -2.49
CA ASP E 109 -8.69 -43.18 -1.39
C ASP E 109 -8.50 -41.70 -1.73
N GLY E 110 -8.37 -41.40 -3.03
CA GLY E 110 -8.14 -40.05 -3.51
C GLY E 110 -8.38 -39.87 -5.00
N ILE E 111 -8.69 -38.64 -5.40
CA ILE E 111 -8.92 -38.34 -6.81
C ILE E 111 -8.00 -37.23 -7.29
N LEU E 113 -7.59 -34.85 -10.51
CA LEU E 113 -8.50 -34.39 -11.57
C LEU E 113 -7.78 -33.37 -12.47
N VAL E 114 -7.53 -33.78 -13.71
CA VAL E 114 -6.89 -32.90 -14.69
C VAL E 114 -7.93 -32.09 -15.43
N LEU E 115 -7.87 -30.77 -15.27
CA LEU E 115 -8.69 -29.85 -16.08
C LEU E 115 -7.89 -29.39 -17.30
N PRO E 116 -8.57 -29.10 -18.46
CA PRO E 116 -7.89 -28.57 -19.67
C PRO E 116 -7.32 -27.15 -19.57
N GLU E 117 -8.07 -26.21 -19.01
CA GLU E 117 -7.64 -24.81 -19.03
C GLU E 117 -8.11 -24.16 -17.76
N TYR E 118 -7.74 -22.88 -17.58
CA TYR E 118 -8.39 -22.05 -16.60
C TYR E 118 -9.88 -22.10 -16.81
N ASN E 119 -10.63 -22.18 -15.71
CA ASN E 119 -12.09 -22.16 -15.76
C ASN E 119 -12.63 -22.17 -14.35
N THR E 120 -12.74 -20.98 -13.78
CA THR E 120 -13.07 -20.80 -12.36
C THR E 120 -14.40 -21.37 -11.86
N PRO E 121 -15.50 -21.19 -12.60
CA PRO E 121 -16.75 -21.75 -12.05
C PRO E 121 -16.73 -23.27 -12.01
N LEU E 122 -16.09 -23.88 -13.00
CA LEU E 122 -16.00 -25.33 -13.09
C LEU E 122 -15.16 -25.85 -11.95
N TYR E 123 -13.94 -25.32 -11.86
CA TYR E 123 -12.97 -25.68 -10.82
C TYR E 123 -13.60 -25.68 -9.41
N TYR E 124 -14.15 -24.54 -9.01
CA TYR E 124 -14.71 -24.42 -7.68
C TYR E 124 -15.94 -25.24 -7.50
N LYS E 125 -16.64 -25.60 -8.57
CA LYS E 125 -17.83 -26.44 -8.40
C LYS E 125 -17.43 -27.89 -8.14
N LEU E 126 -16.42 -28.35 -8.88
CA LEU E 126 -15.86 -29.69 -8.72
C LEU E 126 -15.13 -29.83 -7.38
N LYS E 127 -14.27 -28.85 -7.08
CA LYS E 127 -13.54 -28.88 -5.82
C LYS E 127 -14.48 -28.90 -4.64
N SER E 128 -15.54 -28.12 -4.72
CA SER E 128 -16.54 -28.13 -3.69
C SER E 128 -17.14 -29.55 -3.54
N TYR E 129 -17.45 -30.20 -4.65
CA TYR E 129 -18.06 -31.52 -4.59
C TYR E 129 -17.10 -32.50 -3.96
N LEU E 130 -15.87 -32.48 -4.43
CA LEU E 130 -14.86 -33.38 -3.96
C LEU E 130 -14.54 -33.20 -2.47
N ILE E 131 -14.43 -31.95 -2.02
CA ILE E 131 -14.08 -31.69 -0.63
C ILE E 131 -15.07 -32.32 0.34
N ASN E 132 -16.34 -32.36 -0.04
CA ASN E 132 -17.35 -33.09 0.76
C ASN E 132 -17.34 -34.60 0.59
N SER E 133 -16.62 -35.08 -0.41
CA SER E 133 -16.61 -36.49 -0.76
C SER E 133 -15.28 -37.16 -0.34
N ILE E 134 -14.17 -36.79 -0.97
CA ILE E 134 -12.87 -37.40 -0.72
C ILE E 134 -11.68 -36.42 -0.89
N PRO E 135 -10.51 -36.73 -0.34
CA PRO E 135 -9.32 -35.93 -0.70
C PRO E 135 -9.10 -35.83 -2.23
N SER E 136 -8.79 -34.61 -2.68
CA SER E 136 -8.61 -34.25 -4.11
C SER E 136 -7.31 -33.47 -4.43
N GLN E 137 -6.76 -33.71 -5.62
CA GLN E 137 -5.68 -32.91 -6.12
C GLN E 137 -6.00 -32.51 -7.54
N PHE E 138 -6.32 -31.25 -7.78
CA PHE E 138 -6.64 -30.82 -9.14
C PHE E 138 -5.35 -30.55 -9.94
N ARG E 140 -4.03 -28.72 -14.06
CA ARG E 140 -4.33 -28.11 -15.37
C ARG E 140 -3.35 -28.59 -16.41
N TYR E 141 -3.85 -29.07 -17.56
CA TYR E 141 -2.98 -29.64 -18.62
C TYR E 141 -2.08 -28.59 -19.26
N ASP E 142 -2.53 -27.34 -19.22
CA ASP E 142 -1.81 -26.26 -19.88
C ASP E 142 -0.68 -25.73 -19.01
N ILE E 143 -0.73 -26.09 -17.73
CA ILE E 143 0.37 -25.83 -16.79
C ILE E 143 1.29 -27.06 -16.74
N LEU E 144 0.67 -28.24 -16.85
CA LEU E 144 1.39 -29.51 -16.84
C LEU E 144 2.25 -29.66 -18.10
N SER E 145 1.99 -28.82 -19.10
CA SER E 145 2.72 -28.86 -20.38
C SER E 145 3.96 -27.98 -20.45
N ASN E 146 3.93 -26.80 -19.83
CA ASN E 146 5.12 -25.95 -19.73
C ASN E 146 5.68 -25.88 -18.31
N ARG E 147 5.85 -27.07 -17.71
CA ARG E 147 6.54 -27.22 -16.43
C ARG E 147 7.33 -28.52 -16.49
N ASN E 148 8.51 -28.53 -15.88
CA ASN E 148 9.28 -29.76 -15.79
C ASN E 148 8.58 -30.75 -14.85
N LEU E 149 8.06 -31.84 -15.42
CA LEU E 149 7.44 -32.91 -14.65
C LEU E 149 8.02 -33.09 -13.26
N THR E 150 9.34 -33.36 -13.17
CA THR E 150 9.98 -33.57 -11.86
C THR E 150 9.57 -32.51 -10.82
N PHE E 151 9.64 -31.22 -11.16
CA PHE E 151 9.30 -30.19 -10.16
C PHE E 151 7.83 -30.26 -9.75
N TYR E 152 6.98 -30.45 -10.74
CA TYR E 152 5.54 -30.39 -10.61
C TYR E 152 5.03 -31.50 -9.70
N VAL E 153 5.55 -32.70 -9.90
CA VAL E 153 5.15 -33.89 -9.16
C VAL E 153 5.70 -33.88 -7.76
N ASP E 154 7.01 -33.68 -7.59
CA ASP E 154 7.59 -33.49 -6.26
C ASP E 154 6.69 -32.63 -5.38
N ASN E 155 6.30 -31.47 -5.87
CA ASN E 155 5.48 -30.57 -5.08
C ASN E 155 4.04 -31.01 -4.93
N LEU E 156 3.51 -31.51 -6.02
CA LEU E 156 2.13 -31.83 -6.07
C LEU E 156 1.92 -32.87 -4.96
N LEU E 157 2.84 -33.83 -4.85
CA LEU E 157 2.63 -34.91 -3.92
C LEU E 157 2.71 -34.41 -2.46
N VAL E 158 3.58 -33.42 -2.18
CA VAL E 158 3.66 -32.93 -0.78
C VAL E 158 2.27 -32.67 -0.24
N GLN E 159 1.46 -31.95 -0.98
CA GLN E 159 0.11 -31.60 -0.47
C GLN E 159 -0.94 -32.66 -0.67
N PHE E 160 -0.79 -33.48 -1.70
CA PHE E 160 -1.72 -34.59 -1.89
C PHE E 160 -1.54 -35.64 -0.77
N VAL E 161 -0.29 -35.96 -0.43
CA VAL E 161 -0.04 -36.87 0.70
C VAL E 161 -0.73 -36.31 1.97
N SER E 162 -0.64 -34.99 2.20
CA SER E 162 -1.21 -34.40 3.41
C SER E 162 -2.70 -34.47 3.36
N LYS E 163 -3.27 -34.23 2.20
CA LYS E 163 -4.70 -34.26 2.10
C LYS E 163 -5.20 -35.70 2.37
N LEU E 164 -4.31 -36.68 2.15
CA LEU E 164 -4.63 -38.06 2.34
C LEU E 164 -4.47 -38.42 3.82
N GLY E 165 -4.14 -37.41 4.64
CA GLY E 165 -3.97 -37.58 6.09
C GLY E 165 -2.52 -37.75 6.49
N GLY E 166 -1.60 -37.73 5.54
CA GLY E 166 -0.17 -37.83 5.84
C GLY E 166 0.40 -36.59 6.53
N LYS E 167 1.58 -36.75 7.13
CA LYS E 167 2.32 -35.64 7.73
C LYS E 167 3.74 -35.69 7.21
N PRO E 168 3.98 -34.93 6.18
CA PRO E 168 5.30 -34.95 5.53
C PRO E 168 6.45 -34.78 6.49
N TRP E 169 6.36 -33.76 7.34
CA TRP E 169 7.43 -33.36 8.25
C TRP E 169 6.82 -32.37 9.24
N ILE E 170 7.37 -32.34 10.44
CA ILE E 170 6.94 -31.39 11.43
C ILE E 170 8.20 -30.74 11.94
N LEU E 171 8.05 -29.69 12.75
CA LEU E 171 9.18 -29.00 13.35
C LEU E 171 9.72 -29.82 14.50
N ASN E 172 11.04 -29.79 14.68
CA ASN E 172 11.68 -30.24 15.92
C ASN E 172 11.66 -29.19 17.00
N VAL E 173 10.77 -29.38 17.95
CA VAL E 173 10.46 -28.35 18.92
C VAL E 173 11.14 -28.66 20.22
N ASP E 174 11.55 -27.63 20.93
CA ASP E 174 11.88 -27.74 22.34
C ASP E 174 10.57 -27.80 23.14
N PRO E 175 10.30 -28.94 23.82
CA PRO E 175 9.14 -29.09 24.72
C PRO E 175 8.94 -27.92 25.66
N GLU E 176 10.02 -27.28 26.10
CA GLU E 176 9.85 -26.16 27.02
C GLU E 176 9.43 -24.83 26.38
N LYS E 177 10.00 -24.50 25.22
CA LYS E 177 9.82 -23.16 24.67
C LYS E 177 8.59 -23.10 23.74
N GLY E 178 7.83 -22.01 23.83
CA GLY E 178 6.74 -21.77 22.89
C GLY E 178 5.39 -22.13 23.42
N SER E 179 4.39 -22.07 22.57
CA SER E 179 3.04 -22.23 23.05
C SER E 179 2.64 -23.69 23.10
N ASP E 180 1.70 -24.00 23.98
CA ASP E 180 1.14 -25.35 23.95
C ASP E 180 0.29 -25.49 22.76
N ILE E 181 -0.62 -24.52 22.60
CA ILE E 181 -1.31 -24.37 21.34
C ILE E 181 -1.30 -22.95 20.86
N ILE E 182 -1.39 -22.84 19.54
CA ILE E 182 -1.52 -21.60 18.88
C ILE E 182 -2.88 -21.64 18.16
N ILE E 183 -3.70 -20.63 18.40
CA ILE E 183 -5.00 -20.53 17.70
C ILE E 183 -4.98 -19.41 16.65
N GLY E 184 -5.01 -19.79 15.38
CA GLY E 184 -5.19 -18.85 14.29
C GLY E 184 -6.65 -18.47 14.19
N THR E 185 -6.93 -17.18 14.28
CA THR E 185 -8.32 -16.76 14.35
C THR E 185 -8.60 -15.46 13.63
N GLY E 186 -9.89 -15.16 13.46
CA GLY E 186 -10.30 -14.00 12.69
C GLY E 186 -11.43 -14.29 11.71
N ALA E 187 -11.43 -13.51 10.63
CA ALA E 187 -12.51 -13.53 9.65
C ALA E 187 -12.01 -12.98 8.34
N THR E 188 -12.66 -13.38 7.26
CA THR E 188 -12.44 -12.76 5.95
C THR E 188 -13.78 -12.38 5.34
N ARG E 189 -13.71 -11.38 4.47
CA ARG E 189 -14.86 -10.81 3.79
C ARG E 189 -15.24 -11.65 2.58
N ILE E 190 -16.51 -12.05 2.52
CA ILE E 190 -17.00 -12.70 1.33
C ILE E 190 -17.45 -11.61 0.36
N ASP E 191 -18.56 -10.96 0.69
CA ASP E 191 -19.06 -9.79 -0.02
C ASP E 191 -18.84 -8.57 0.89
N ASN E 192 -19.69 -7.56 0.82
CA ASN E 192 -19.48 -6.39 1.65
C ASN E 192 -20.31 -6.43 2.93
N VAL E 193 -21.38 -7.19 2.89
CA VAL E 193 -22.21 -7.32 4.08
C VAL E 193 -21.87 -8.66 4.71
N ASN E 194 -20.97 -9.40 4.06
CA ASN E 194 -20.78 -10.80 4.38
C ASN E 194 -19.45 -11.23 4.97
N LEU E 195 -19.56 -11.99 6.06
CA LEU E 195 -18.43 -12.46 6.85
C LEU E 195 -18.44 -13.94 7.07
N PHE E 196 -17.25 -14.53 7.03
CA PHE E 196 -17.11 -15.74 7.80
C PHE E 196 -15.93 -15.69 8.75
N CYS E 197 -16.13 -16.30 9.92
CA CYS E 197 -15.11 -16.42 10.94
C CYS E 197 -14.41 -17.76 10.86
N PHE E 198 -13.15 -17.77 11.25
CA PHE E 198 -12.45 -19.04 11.34
C PHE E 198 -11.67 -19.16 12.63
N ALA E 199 -11.47 -20.39 13.05
CA ALA E 199 -10.62 -20.70 14.16
C ALA E 199 -9.91 -22.04 13.96
N VAL E 201 -6.71 -24.57 15.34
CA VAL E 201 -5.77 -24.89 16.42
C VAL E 201 -4.55 -25.65 15.92
N PHE E 202 -3.37 -25.17 16.32
CA PHE E 202 -2.07 -25.75 15.97
C PHE E 202 -1.30 -26.11 17.21
N LYS E 203 -0.44 -27.10 17.02
CA LYS E 203 0.58 -27.49 17.96
C LYS E 203 1.81 -26.72 17.54
N LYS E 204 2.71 -26.49 18.49
CA LYS E 204 3.92 -25.74 18.22
C LYS E 204 4.89 -26.46 17.29
N ASP E 205 4.65 -27.73 17.03
CA ASP E 205 5.39 -28.35 15.95
C ASP E 205 4.88 -27.93 14.59
N GLY E 206 3.76 -27.21 14.57
CA GLY E 206 3.20 -26.68 13.32
C GLY E 206 2.11 -27.53 12.68
N THR E 207 1.62 -28.55 13.37
CA THR E 207 0.55 -29.37 12.82
C THR E 207 -0.76 -28.86 13.31
N LEU E 209 -4.44 -29.32 14.41
CA LEU E 209 -5.22 -30.32 15.13
C LEU E 209 -6.71 -30.28 14.81
N TRP E 210 -7.26 -29.06 14.75
CA TRP E 210 -8.68 -28.86 14.56
C TRP E 210 -8.95 -27.53 13.86
N ASN E 211 -10.00 -27.54 13.06
CA ASN E 211 -10.35 -26.44 12.21
C ASN E 211 -11.87 -26.24 12.30
N GLU E 212 -12.29 -25.06 12.75
CA GLU E 212 -13.69 -24.70 12.79
C GLU E 212 -13.97 -23.46 11.92
N ILE E 213 -15.06 -23.53 11.14
CA ILE E 213 -15.53 -22.38 10.33
C ILE E 213 -16.97 -21.98 10.66
N SER E 214 -17.23 -20.68 10.84
CA SER E 214 -18.58 -20.16 11.14
C SER E 214 -19.43 -20.14 9.89
N PRO E 215 -20.77 -20.05 10.06
CA PRO E 215 -21.66 -19.81 8.90
C PRO E 215 -21.30 -18.50 8.20
N ILE E 216 -21.46 -18.45 6.87
CA ILE E 216 -21.38 -17.19 6.16
C ILE E 216 -22.49 -16.30 6.76
N VAL E 217 -22.05 -15.24 7.43
CA VAL E 217 -22.92 -14.39 8.24
C VAL E 217 -22.67 -12.91 7.98
N THR E 218 -23.64 -12.10 8.40
CA THR E 218 -23.56 -10.65 8.23
C THR E 218 -22.42 -10.08 9.02
N SER E 219 -21.76 -9.08 8.44
CA SER E 219 -20.70 -8.32 9.12
C SER E 219 -21.05 -7.76 10.51
N SER E 220 -22.26 -7.24 10.70
CA SER E 220 -22.63 -6.72 12.02
C SER E 220 -22.29 -7.75 13.10
N GLU E 221 -22.86 -8.95 12.99
CA GLU E 221 -22.74 -9.98 14.02
C GLU E 221 -21.34 -10.66 14.15
N TYR E 222 -20.27 -9.92 13.84
CA TYR E 222 -18.88 -10.45 13.81
C TYR E 222 -18.41 -10.92 15.19
N LEU E 223 -18.41 -9.99 16.13
CA LEU E 223 -18.01 -10.23 17.51
C LEU E 223 -18.74 -11.39 18.17
N THR E 224 -19.82 -11.84 17.56
CA THR E 224 -20.61 -12.91 18.12
C THR E 224 -20.07 -14.26 17.65
N TYR E 225 -19.92 -14.40 16.34
CA TYR E 225 -19.53 -15.68 15.76
C TYR E 225 -18.03 -15.89 15.86
N LEU E 226 -17.29 -14.83 16.11
CA LEU E 226 -15.86 -14.96 16.30
C LEU E 226 -15.70 -15.66 17.63
N LYS E 227 -16.34 -15.11 18.66
CA LYS E 227 -16.31 -15.69 20.01
C LYS E 227 -16.88 -17.08 19.99
N SER E 228 -17.96 -17.27 19.25
CA SER E 228 -18.59 -18.57 19.10
C SER E 228 -17.58 -19.56 18.54
N THR E 229 -17.09 -19.25 17.35
CA THR E 229 -16.22 -20.12 16.59
C THR E 229 -14.98 -20.62 17.38
N ILE E 230 -14.33 -19.73 18.13
CA ILE E 230 -13.19 -20.08 18.96
C ILE E 230 -13.54 -21.19 19.96
N LYS E 231 -14.61 -20.98 20.73
CA LYS E 231 -15.11 -21.96 21.71
C LYS E 231 -15.22 -23.31 21.04
N LYS E 232 -15.83 -23.32 19.86
CA LYS E 232 -16.01 -24.55 19.10
C LYS E 232 -14.69 -25.21 18.73
N VAL E 233 -13.65 -24.43 18.43
CA VAL E 233 -12.37 -25.07 18.08
C VAL E 233 -11.78 -25.72 19.30
N VAL E 234 -11.89 -25.03 20.45
CA VAL E 234 -11.29 -25.50 21.66
C VAL E 234 -12.08 -26.69 22.20
N TYR E 235 -13.40 -26.66 22.04
CA TYR E 235 -14.25 -27.81 22.34
C TYR E 235 -13.84 -29.05 21.56
N GLY E 236 -13.87 -28.93 20.23
CA GLY E 236 -13.50 -30.03 19.33
C GLY E 236 -12.07 -30.52 19.45
N PHE E 237 -11.16 -29.64 19.87
CA PHE E 237 -9.77 -30.01 20.14
C PHE E 237 -9.62 -30.81 21.46
N LYS E 238 -10.24 -30.32 22.53
CA LYS E 238 -10.20 -31.00 23.84
C LYS E 238 -10.86 -32.39 23.82
N LYS E 239 -12.08 -32.50 23.30
CA LYS E 239 -12.76 -33.80 23.16
C LYS E 239 -11.86 -34.81 22.43
N SER E 240 -10.90 -34.29 21.67
CA SER E 240 -9.99 -35.07 20.86
C SER E 240 -8.62 -35.14 21.55
N ASN E 241 -8.39 -34.30 22.54
CA ASN E 241 -7.09 -34.28 23.24
C ASN E 241 -7.29 -33.98 24.73
N PRO E 242 -8.05 -34.86 25.42
CA PRO E 242 -8.74 -34.56 26.69
C PRO E 242 -7.88 -34.47 27.95
N ASP E 243 -6.67 -35.02 27.91
CA ASP E 243 -5.75 -34.95 29.04
C ASP E 243 -4.60 -34.00 28.73
N TRP E 244 -4.90 -32.95 27.96
CA TRP E 244 -3.85 -32.00 27.59
C TRP E 244 -4.02 -30.59 28.17
N ASP E 245 -3.44 -30.40 29.36
CA ASP E 245 -3.37 -29.12 30.05
C ASP E 245 -2.78 -28.02 29.14
N VAL E 246 -3.43 -26.86 29.10
CA VAL E 246 -2.97 -25.75 28.27
C VAL E 246 -2.60 -24.59 29.16
N GLU E 247 -1.30 -24.33 29.29
CA GLU E 247 -0.78 -23.29 30.20
C GLU E 247 -0.35 -22.03 29.46
N LYS E 248 0.10 -22.22 28.21
CA LYS E 248 0.52 -21.11 27.34
C LYS E 248 -0.30 -21.15 26.08
N LEU E 249 -1.15 -20.14 25.94
CA LEU E 249 -2.02 -20.04 24.80
C LEU E 249 -1.54 -18.82 24.04
N THR E 250 -1.53 -18.92 22.74
CA THR E 250 -1.27 -17.78 21.92
C THR E 250 -2.38 -17.66 20.90
N LEU E 251 -2.86 -16.45 20.65
CA LEU E 251 -3.75 -16.20 19.52
C LEU E 251 -3.04 -15.47 18.40
N HIS E 252 -3.23 -15.96 17.18
CA HIS E 252 -2.74 -15.32 15.92
C HIS E 252 -3.94 -14.84 15.08
N VAL E 253 -4.21 -13.55 15.16
CA VAL E 253 -5.38 -12.95 14.55
C VAL E 253 -4.96 -12.36 13.25
N SER E 254 -5.69 -12.67 12.18
CA SER E 254 -5.35 -12.16 10.86
C SER E 254 -6.57 -12.13 9.98
N GLY E 255 -6.37 -11.78 8.70
CA GLY E 255 -7.42 -11.75 7.68
C GLY E 255 -8.11 -10.38 7.54
N LYS E 256 -8.77 -10.16 6.40
CA LYS E 256 -9.50 -8.91 6.14
C LYS E 256 -10.87 -8.95 6.80
N ARG E 257 -11.05 -8.15 7.84
CA ARG E 257 -12.24 -8.20 8.71
C ARG E 257 -12.71 -6.81 9.12
N PRO E 258 -13.87 -6.69 9.79
CA PRO E 258 -14.33 -5.41 10.31
C PRO E 258 -13.27 -4.68 11.12
N LYS E 259 -13.24 -3.35 10.99
CA LYS E 259 -12.18 -2.52 11.58
C LYS E 259 -12.40 -2.19 13.08
N LYS E 261 -11.33 -3.01 16.22
CA LYS E 261 -10.22 -3.66 16.95
C LYS E 261 -10.33 -3.78 18.48
N ASP E 262 -10.51 -2.64 19.16
CA ASP E 262 -10.50 -2.53 20.63
C ASP E 262 -11.58 -3.43 21.25
N GLY E 263 -12.69 -3.54 20.51
CA GLY E 263 -13.80 -4.40 20.90
C GLY E 263 -13.56 -5.87 20.56
N GLU E 264 -12.73 -6.10 19.54
CA GLU E 264 -12.33 -7.44 19.10
C GLU E 264 -11.42 -8.02 20.17
N THR E 265 -10.54 -7.17 20.69
CA THR E 265 -9.67 -7.50 21.77
C THR E 265 -10.42 -8.01 23.02
N LYS E 266 -11.34 -7.21 23.55
CA LYS E 266 -12.05 -7.53 24.79
C LYS E 266 -12.77 -8.86 24.71
N ILE E 267 -13.33 -9.11 23.53
CA ILE E 267 -14.13 -10.30 23.36
C ILE E 267 -13.26 -11.57 23.30
N LEU E 268 -12.03 -11.43 22.79
CA LEU E 268 -11.08 -12.56 22.78
C LEU E 268 -10.66 -12.82 24.22
N LYS E 269 -10.52 -11.77 25.01
CA LYS E 269 -10.23 -11.90 26.43
C LYS E 269 -11.37 -12.61 27.13
N GLU E 270 -12.59 -12.24 26.75
CA GLU E 270 -13.80 -12.84 27.32
C GLU E 270 -13.88 -14.30 26.93
N THR E 271 -13.55 -14.57 25.67
CA THR E 271 -13.54 -15.92 25.15
C THR E 271 -12.55 -16.79 25.94
N VAL E 272 -11.45 -16.19 26.40
CA VAL E 272 -10.45 -16.95 27.14
C VAL E 272 -10.94 -17.17 28.57
N GLU E 273 -11.33 -16.11 29.26
CA GLU E 273 -11.81 -16.22 30.64
C GLU E 273 -12.88 -17.28 30.81
N GLU E 274 -13.78 -17.35 29.85
CA GLU E 274 -14.79 -18.39 29.83
C GLU E 274 -14.23 -19.78 29.59
N LEU E 275 -13.18 -19.89 28.75
CA LEU E 275 -12.53 -21.19 28.49
C LEU E 275 -11.82 -21.68 29.75
N LYS E 276 -11.29 -20.72 30.51
CA LYS E 276 -10.70 -20.99 31.82
C LYS E 276 -11.76 -21.66 32.68
N LYS E 277 -12.85 -20.92 32.89
CA LYS E 277 -13.93 -21.35 33.77
C LYS E 277 -14.66 -22.59 33.27
N GLN E 278 -14.57 -22.89 31.97
CA GLN E 278 -15.08 -24.17 31.45
C GLN E 278 -14.06 -25.30 31.54
N GLU E 279 -12.96 -25.03 32.25
CA GLU E 279 -11.91 -26.00 32.52
C GLU E 279 -11.44 -26.67 31.23
N VAL E 281 -8.85 -25.03 29.68
CA VAL E 281 -7.56 -24.41 29.64
C VAL E 281 -7.21 -24.16 31.09
N SER E 282 -5.94 -24.36 31.45
CA SER E 282 -5.45 -24.15 32.81
C SER E 282 -5.93 -22.83 33.40
N ARG E 283 -6.34 -22.87 34.67
CA ARG E 283 -6.93 -21.72 35.38
C ARG E 283 -5.95 -20.56 35.51
N ASP E 284 -4.67 -20.85 35.27
CA ASP E 284 -3.66 -19.82 35.29
C ASP E 284 -2.89 -19.69 33.99
N VAL E 285 -3.59 -19.97 32.89
CA VAL E 285 -3.04 -19.81 31.52
C VAL E 285 -2.32 -18.48 31.24
N LYS E 286 -1.08 -18.55 30.76
CA LYS E 286 -0.42 -17.35 30.20
C LYS E 286 -0.77 -17.21 28.71
N TYR E 287 -1.35 -16.11 28.31
CA TYR E 287 -1.70 -16.00 26.90
C TYR E 287 -1.37 -14.65 26.33
N ALA E 288 -1.34 -14.62 25.00
CA ALA E 288 -1.04 -13.40 24.28
C ALA E 288 -1.91 -13.42 23.02
N ILE E 289 -2.29 -12.23 22.58
CA ILE E 289 -3.14 -12.06 21.40
C ILE E 289 -2.38 -11.16 20.46
N LEU E 290 -2.13 -11.70 19.28
CA LEU E 290 -1.27 -11.05 18.34
C LEU E 290 -2.02 -10.79 17.07
N HIS E 291 -1.67 -9.69 16.41
CA HIS E 291 -2.15 -9.38 15.07
C HIS E 291 -0.97 -9.62 14.16
N LEU E 292 -1.17 -10.43 13.15
CA LEU E 292 -0.10 -10.60 12.19
C LEU E 292 -0.60 -10.07 10.87
N ASN E 293 0.22 -9.29 10.21
CA ASN E 293 -0.21 -8.44 9.10
C ASN E 293 0.98 -8.36 8.17
N GLU E 294 0.73 -8.31 6.86
CA GLU E 294 1.84 -7.90 5.97
C GLU E 294 2.02 -6.41 6.03
N THR E 295 3.23 -5.96 5.74
CA THR E 295 3.49 -4.53 5.58
C THR E 295 4.43 -4.37 4.46
N HIS E 296 4.93 -3.14 4.40
CA HIS E 296 5.88 -2.65 3.44
C HIS E 296 7.21 -3.43 3.41
N PRO E 297 7.82 -3.56 2.22
CA PRO E 297 9.09 -4.22 2.09
C PRO E 297 10.15 -3.51 2.93
N PHE E 298 11.16 -4.25 3.33
CA PHE E 298 12.10 -3.81 4.33
C PHE E 298 13.42 -3.53 3.65
N TRP E 299 13.88 -2.29 3.71
CA TRP E 299 15.14 -1.94 3.08
C TRP E 299 16.26 -1.47 4.05
N VAL E 300 17.31 -2.29 4.22
CA VAL E 300 18.52 -1.83 4.96
C VAL E 300 19.53 -1.06 4.07
N GLY E 302 22.75 1.71 3.08
CA GLY E 302 24.08 2.23 3.41
C GLY E 302 25.26 1.37 3.02
N ASP E 303 24.98 0.19 2.45
CA ASP E 303 26.01 -0.80 2.06
C ASP E 303 26.85 -1.32 3.23
N PRO E 310 19.85 -7.77 5.49
CA PRO E 310 18.69 -8.18 6.34
C PRO E 310 18.49 -9.71 6.40
N TYR E 311 19.12 -10.36 7.38
CA TYR E 311 19.11 -11.84 7.49
C TYR E 311 17.71 -12.39 7.74
N GLU E 312 17.42 -13.60 7.25
CA GLU E 312 16.19 -14.32 7.56
C GLU E 312 16.08 -14.49 9.07
N GLY E 313 14.87 -14.39 9.62
CA GLY E 313 14.72 -14.53 11.06
C GLY E 313 15.17 -13.30 11.86
N THR E 314 15.14 -12.16 11.20
CA THR E 314 15.48 -10.90 11.85
C THR E 314 14.22 -10.36 12.50
N LYS E 315 14.39 -9.87 13.71
CA LYS E 315 13.28 -9.38 14.54
C LYS E 315 13.53 -7.91 14.79
N VAL E 316 12.78 -7.04 14.14
CA VAL E 316 13.00 -5.62 14.31
C VAL E 316 11.92 -5.06 15.21
N LYS E 317 12.36 -4.42 16.28
CA LYS E 317 11.48 -3.85 17.30
C LYS E 317 11.14 -2.46 16.89
N LEU E 318 9.88 -2.24 16.49
CA LEU E 318 9.41 -0.91 16.14
C LEU E 318 8.97 -0.22 17.40
N SER E 319 8.45 -1.01 18.34
CA SER E 319 8.05 -0.59 19.68
C SER E 319 7.83 -1.85 20.49
N SER E 320 7.66 -1.73 21.81
CA SER E 320 7.57 -2.90 22.69
C SER E 320 6.36 -3.81 22.41
N LYS E 321 5.47 -3.34 21.55
CA LYS E 321 4.27 -4.05 21.13
C LYS E 321 4.31 -4.43 19.65
N ARG E 322 5.22 -3.84 18.90
CA ARG E 322 5.26 -4.08 17.50
C ARG E 322 6.63 -4.51 16.97
N TYR E 323 6.63 -5.58 16.18
CA TYR E 323 7.86 -6.09 15.60
C TYR E 323 7.73 -6.34 14.15
N LEU E 324 8.83 -6.17 13.45
CA LEU E 324 8.91 -6.66 12.11
C LEU E 324 9.74 -7.94 12.16
N LEU E 325 9.26 -8.97 11.47
CA LEU E 325 9.91 -10.25 11.47
C LEU E 325 10.17 -10.64 10.01
N THR E 326 11.42 -10.86 9.64
CA THR E 326 11.73 -11.32 8.28
C THR E 326 11.66 -12.85 8.20
N LEU E 327 10.88 -13.36 7.26
CA LEU E 327 10.63 -14.80 7.15
C LEU E 327 11.46 -15.46 6.06
N LEU E 328 11.87 -14.69 5.06
CA LEU E 328 12.61 -15.26 3.94
C LEU E 328 13.89 -14.49 3.66
N GLN E 329 14.91 -15.19 3.16
CA GLN E 329 16.21 -14.60 2.84
C GLN E 329 16.12 -13.60 1.68
N PRO E 330 16.81 -12.45 1.80
CA PRO E 330 16.82 -11.51 0.66
C PRO E 330 17.78 -12.00 -0.44
N TYR E 331 18.35 -13.20 -0.22
CA TYR E 331 19.32 -13.90 -1.10
C TYR E 331 20.76 -13.64 -0.67
N PRO E 342 13.81 -4.86 -1.19
CA PRO E 342 13.56 -6.30 -1.43
C PRO E 342 12.51 -7.04 -0.53
N ILE E 343 12.77 -7.28 0.76
CA ILE E 343 11.92 -8.28 1.49
C ILE E 343 10.71 -7.78 2.26
N LYS E 344 9.53 -8.31 1.96
CA LYS E 344 8.31 -8.04 2.76
C LYS E 344 8.35 -8.85 4.06
N PRO E 345 8.44 -8.16 5.19
CA PRO E 345 8.46 -8.82 6.46
C PRO E 345 7.05 -8.98 6.99
N LEU E 346 6.91 -9.67 8.11
CA LEU E 346 5.59 -9.81 8.71
C LEU E 346 5.60 -8.81 9.84
N SER E 347 4.50 -8.11 9.93
CA SER E 347 4.26 -7.23 11.05
C SER E 347 3.51 -8.03 12.13
N VAL E 348 4.05 -7.94 13.34
CA VAL E 348 3.51 -8.67 14.45
C VAL E 348 3.31 -7.69 15.59
N GLU E 349 2.06 -7.55 16.01
CA GLU E 349 1.70 -6.72 17.14
C GLU E 349 1.22 -7.56 18.31
N ILE E 350 1.75 -7.24 19.50
CA ILE E 350 1.32 -7.84 20.77
C ILE E 350 0.14 -7.01 21.25
N VAL E 351 -1.05 -7.43 20.85
CA VAL E 351 -2.18 -6.56 21.00
C VAL E 351 -2.67 -6.56 22.43
N SER E 352 -2.48 -7.69 23.09
CA SER E 352 -2.98 -7.93 24.41
C SER E 352 -2.28 -9.13 25.01
N ASP E 353 -2.10 -9.11 26.32
CA ASP E 353 -1.48 -10.22 27.04
C ASP E 353 -1.75 -10.26 28.57
N ASN E 354 -1.14 -11.24 29.18
CA ASN E 354 -1.51 -11.76 30.46
C ASN E 354 -0.21 -11.94 31.26
N TRP E 355 0.89 -11.40 30.72
CA TRP E 355 2.24 -11.72 31.19
C TRP E 355 2.70 -10.73 32.22
N THR E 356 3.33 -11.22 33.29
CA THR E 356 4.05 -10.32 34.19
C THR E 356 5.15 -9.63 33.39
N SER E 357 5.76 -8.60 33.95
CA SER E 357 6.71 -7.80 33.18
C SER E 357 8.14 -8.33 33.21
N GLU E 358 8.49 -9.09 34.25
CA GLU E 358 9.78 -9.81 34.32
C GLU E 358 9.97 -10.78 33.17
N GLU E 359 8.98 -11.67 32.99
CA GLU E 359 8.82 -12.55 31.83
C GLU E 359 8.90 -11.86 30.45
N TYR E 360 8.30 -10.66 30.38
CA TYR E 360 7.74 -10.14 29.14
C TYR E 360 8.64 -10.27 27.94
N TYR E 361 9.86 -9.75 28.10
CA TYR E 361 10.84 -9.68 27.03
C TYR E 361 11.19 -11.09 26.54
N HIS E 362 11.39 -11.99 27.48
CA HIS E 362 11.65 -13.38 27.19
C HIS E 362 10.47 -13.96 26.41
N ASN E 363 9.25 -13.61 26.79
CA ASN E 363 8.06 -14.19 26.17
C ASN E 363 7.77 -13.68 24.80
N VAL E 364 8.12 -12.42 24.58
CA VAL E 364 7.98 -11.83 23.27
C VAL E 364 8.79 -12.62 22.22
N HIS E 365 10.07 -12.80 22.50
CA HIS E 365 11.01 -13.41 21.60
C HIS E 365 10.70 -14.87 21.36
N GLU E 366 10.19 -15.56 22.38
CA GLU E 366 9.70 -16.94 22.18
C GLU E 366 8.60 -16.92 21.14
N ILE E 367 7.65 -16.04 21.34
CA ILE E 367 6.49 -15.88 20.46
C ILE E 367 6.90 -15.39 19.06
N LEU E 368 7.99 -14.65 18.93
CA LEU E 368 8.42 -14.24 17.58
C LEU E 368 9.21 -15.37 16.91
N ASP E 369 10.04 -16.06 17.68
CA ASP E 369 10.69 -17.28 17.22
C ASP E 369 9.65 -18.30 16.75
N GLU E 370 8.64 -18.54 17.58
CA GLU E 370 7.55 -19.41 17.21
C GLU E 370 6.98 -19.03 15.83
N ILE E 371 6.68 -17.75 15.63
CA ILE E 371 6.11 -17.32 14.34
C ILE E 371 7.05 -17.63 13.18
N TYR E 372 8.32 -17.40 13.41
CA TYR E 372 9.29 -17.60 12.39
C TYR E 372 9.34 -19.11 12.00
N TYR E 373 9.42 -19.98 13.02
CA TYR E 373 9.38 -21.46 12.79
C TYR E 373 8.08 -21.91 12.10
N LEU E 374 6.94 -21.39 12.56
CA LEU E 374 5.68 -21.74 11.89
C LEU E 374 5.67 -21.35 10.42
N SER E 375 6.52 -20.39 10.05
CA SER E 375 6.62 -20.00 8.61
C SER E 375 7.36 -21.04 7.75
N LYS E 376 8.08 -21.96 8.39
CA LYS E 376 8.79 -23.01 7.68
C LYS E 376 7.89 -24.25 7.50
N ASN E 378 4.66 -24.83 5.75
CA ASN E 378 3.64 -24.92 4.71
C ASN E 378 3.60 -26.31 4.07
N TRP E 379 2.46 -26.97 3.93
CA TRP E 379 2.49 -28.29 3.25
C TRP E 379 1.95 -28.19 1.82
N ARG E 380 2.17 -27.05 1.19
CA ARG E 380 1.75 -26.93 -0.19
C ARG E 380 2.82 -27.41 -1.15
N GLY E 381 4.00 -27.69 -0.68
CA GLY E 381 5.05 -28.03 -1.58
C GLY E 381 6.32 -27.95 -0.85
N PHE E 382 7.40 -27.88 -1.59
CA PHE E 382 8.71 -27.85 -1.00
C PHE E 382 9.23 -26.45 -0.77
N ARG E 383 8.46 -25.44 -1.14
CA ARG E 383 8.84 -24.06 -0.85
C ARG E 383 7.79 -23.41 0.03
N SER E 384 8.17 -23.06 1.27
CA SER E 384 7.22 -22.45 2.23
C SER E 384 6.94 -20.93 2.10
N ARG E 385 5.66 -20.61 2.29
CA ARG E 385 5.11 -19.31 2.10
C ARG E 385 5.74 -18.29 3.06
N ASN E 386 5.63 -17.02 2.69
CA ASN E 386 6.04 -15.87 3.51
C ASN E 386 5.00 -15.65 4.59
N LEU E 387 4.46 -16.74 5.12
CA LEU E 387 3.52 -16.63 6.20
C LEU E 387 3.67 -17.81 7.10
N PRO E 388 3.38 -17.62 8.38
CA PRO E 388 3.19 -18.74 9.28
C PRO E 388 1.92 -19.50 8.91
N VAL E 389 1.92 -20.82 9.15
CA VAL E 389 0.79 -21.68 8.75
C VAL E 389 -0.42 -21.18 9.42
N THR E 390 -0.26 -20.58 10.60
CA THR E 390 -1.39 -20.06 11.33
C THR E 390 -2.12 -18.94 10.65
N VAL E 391 -1.52 -18.31 9.64
CA VAL E 391 -2.14 -17.26 8.90
C VAL E 391 -2.35 -17.77 7.48
N ASN E 392 -1.37 -18.49 6.92
CA ASN E 392 -1.55 -19.01 5.58
C ASN E 392 -2.71 -20.01 5.41
N TYR E 393 -2.79 -21.01 6.27
CA TYR E 393 -3.86 -21.99 6.14
C TYR E 393 -5.27 -21.39 6.10
N PRO E 394 -5.61 -20.53 7.07
CA PRO E 394 -6.91 -19.88 7.04
C PRO E 394 -7.11 -19.02 5.79
N LYS E 395 -6.05 -18.40 5.31
CA LYS E 395 -6.14 -17.68 4.07
C LYS E 395 -6.52 -18.58 2.86
N LEU E 396 -6.05 -19.81 2.87
CA LEU E 396 -6.43 -20.75 1.81
C LEU E 396 -7.86 -21.24 2.02
N VAL E 397 -8.30 -21.31 3.27
CA VAL E 397 -9.70 -21.60 3.56
C VAL E 397 -10.61 -20.54 2.94
N ALA E 398 -10.64 -19.35 3.55
CA ALA E 398 -11.24 -18.16 2.94
C ALA E 398 -11.24 -18.22 1.42
N GLY E 399 -10.05 -18.45 0.86
CA GLY E 399 -9.89 -18.64 -0.58
C GLY E 399 -10.97 -19.50 -1.21
N ILE E 400 -11.22 -20.67 -0.61
CA ILE E 400 -12.13 -21.65 -1.18
C ILE E 400 -13.57 -21.36 -0.78
N ILE E 401 -13.80 -21.02 0.49
CA ILE E 401 -15.12 -20.72 0.95
C ILE E 401 -15.75 -19.58 0.14
N ALA E 402 -14.94 -18.56 -0.12
CA ALA E 402 -15.41 -17.39 -0.83
C ALA E 402 -15.85 -17.73 -2.25
N ASN E 403 -14.95 -18.30 -3.06
CA ASN E 403 -15.31 -18.72 -4.43
C ASN E 403 -16.47 -19.72 -4.50
N VAL E 404 -16.59 -20.58 -3.49
CA VAL E 404 -17.76 -21.45 -3.35
C VAL E 404 -19.01 -20.61 -3.12
N ASN E 405 -18.86 -19.47 -2.47
CA ASN E 405 -20.00 -18.57 -2.40
C ASN E 405 -20.28 -17.93 -3.76
N ARG E 406 -19.31 -17.20 -4.30
CA ARG E 406 -19.48 -16.47 -5.57
C ARG E 406 -19.74 -17.34 -6.80
N TYR E 407 -19.63 -18.66 -6.71
CA TYR E 407 -19.77 -19.46 -7.94
C TYR E 407 -20.73 -20.61 -7.80
N GLY E 408 -21.51 -20.59 -6.73
CA GLY E 408 -22.56 -21.59 -6.49
C GLY E 408 -22.12 -23.04 -6.45
N GLY E 409 -21.11 -23.31 -5.62
CA GLY E 409 -20.65 -24.68 -5.37
C GLY E 409 -21.34 -25.25 -4.15
N TYR E 410 -20.85 -26.38 -3.68
CA TYR E 410 -21.48 -27.05 -2.56
C TYR E 410 -20.90 -26.49 -1.28
N PRO E 411 -21.76 -26.09 -0.32
CA PRO E 411 -21.32 -25.60 1.00
C PRO E 411 -20.35 -26.56 1.72
N ILE E 412 -19.36 -26.01 2.43
CA ILE E 412 -18.36 -26.81 3.17
C ILE E 412 -18.66 -26.83 4.69
N ASN E 413 -18.94 -28.02 5.23
CA ASN E 413 -19.51 -28.21 6.59
C ASN E 413 -18.67 -28.93 7.67
N PRO E 414 -17.83 -28.17 8.44
CA PRO E 414 -16.94 -28.76 9.48
C PRO E 414 -17.58 -29.65 10.56
N GLU E 415 -18.63 -29.20 11.25
CA GLU E 415 -19.38 -30.08 12.22
C GLU E 415 -19.62 -31.48 11.67
N GLY E 416 -20.21 -31.54 10.47
CA GLY E 416 -20.85 -32.77 9.91
C GLY E 416 -20.01 -34.00 9.59
N ASN E 417 -18.69 -33.87 9.79
CA ASN E 417 -17.73 -34.99 9.72
C ASN E 417 -16.32 -34.60 10.20
N ARG E 418 -15.60 -35.58 10.74
CA ARG E 418 -14.34 -35.34 11.44
C ARG E 418 -13.17 -35.05 10.51
N SER E 419 -13.18 -35.61 9.30
CA SER E 419 -12.04 -35.44 8.42
C SER E 419 -11.82 -33.97 8.03
N LEU E 420 -12.90 -33.19 7.81
CA LEU E 420 -12.74 -31.75 7.43
C LEU E 420 -12.22 -30.83 8.56
N GLN E 421 -12.43 -31.25 9.81
CA GLN E 421 -12.03 -30.49 10.98
C GLN E 421 -10.57 -30.83 11.35
N THR E 422 -10.09 -31.89 10.71
CA THR E 422 -8.83 -32.51 11.06
C THR E 422 -7.84 -32.67 9.92
N ASN E 423 -8.26 -32.53 8.67
CA ASN E 423 -7.34 -32.65 7.52
C ASN E 423 -7.18 -31.36 6.72
N PRO E 424 -5.96 -31.11 6.20
CA PRO E 424 -5.69 -29.91 5.46
C PRO E 424 -6.21 -29.98 4.03
N TRP E 425 -7.49 -30.25 3.88
CA TRP E 425 -8.19 -30.26 2.60
C TRP E 425 -8.01 -29.02 1.69
N PHE E 426 -7.49 -27.96 2.26
CA PHE E 426 -7.43 -26.69 1.60
C PHE E 426 -6.08 -26.43 1.01
N LEU E 427 -5.18 -27.41 0.96
CA LEU E 427 -3.86 -27.15 0.38
C LEU E 427 -3.90 -27.06 -1.18
N GLU F 3 25.24 2.81 -4.60
CA GLU F 3 25.71 4.10 -4.08
C GLU F 3 24.64 4.86 -3.25
N TYR F 4 25.06 5.42 -2.11
CA TYR F 4 24.19 6.09 -1.16
C TYR F 4 24.79 7.41 -0.79
N LYS F 5 24.14 8.50 -1.22
CA LYS F 5 24.61 9.84 -0.93
C LYS F 5 23.46 10.71 -0.40
N ILE F 6 23.83 11.76 0.30
CA ILE F 6 22.86 12.64 0.92
C ILE F 6 23.12 14.05 0.48
N VAL F 7 22.03 14.75 0.06
CA VAL F 7 22.03 16.22 -0.14
C VAL F 7 22.50 16.96 1.14
N GLU F 8 23.22 18.08 1.01
CA GLU F 8 23.73 18.78 2.20
C GLU F 8 22.69 19.62 2.97
N ASN F 9 23.17 20.22 4.06
CA ASN F 9 22.30 20.72 5.12
C ASN F 9 21.93 22.19 5.08
N GLY F 10 21.14 22.58 6.08
CA GLY F 10 20.80 23.96 6.35
C GLY F 10 20.33 24.82 5.20
N LEU F 11 19.54 24.24 4.27
CA LEU F 11 18.78 25.07 3.33
C LEU F 11 17.79 25.84 4.15
N THR F 12 17.56 27.06 3.72
CA THR F 12 16.77 28.01 4.46
C THR F 12 15.76 28.60 3.49
N TYR F 13 14.72 29.19 4.05
CA TYR F 13 13.78 29.98 3.28
C TYR F 13 14.21 31.43 3.31
N ARG F 14 14.04 32.13 2.20
CA ARG F 14 14.14 33.59 2.15
C ARG F 14 12.77 34.20 2.40
N ILE F 15 12.67 35.06 3.42
CA ILE F 15 11.42 35.83 3.64
C ILE F 15 11.63 37.33 3.34
N GLY F 16 10.90 38.21 4.01
CA GLY F 16 10.90 39.60 3.63
C GLY F 16 12.16 40.23 4.12
N ASN F 17 12.49 41.41 3.60
CA ASN F 17 13.54 42.26 4.18
C ASN F 17 14.93 41.60 4.28
N GLY F 18 15.25 40.72 3.33
CA GLY F 18 16.48 39.91 3.34
C GLY F 18 16.62 38.84 4.41
N ALA F 19 15.55 38.56 5.17
CA ALA F 19 15.71 37.58 6.28
C ALA F 19 15.54 36.17 5.78
N SER F 20 16.24 35.28 6.45
CA SER F 20 16.25 33.88 6.13
C SER F 20 15.93 33.08 7.35
N VAL F 21 15.24 31.95 7.17
CA VAL F 21 14.86 31.13 8.30
C VAL F 21 15.07 29.63 7.97
N PRO F 22 15.49 28.81 8.94
CA PRO F 22 15.67 27.35 8.72
C PRO F 22 14.42 26.73 8.14
N ILE F 23 14.55 25.70 7.32
CA ILE F 23 13.38 24.95 6.81
C ILE F 23 12.96 24.04 7.96
N SER F 24 11.78 23.42 7.86
CA SER F 24 11.26 22.48 8.88
C SER F 24 11.16 22.99 10.31
N ASN F 25 10.79 24.24 10.49
CA ASN F 25 10.51 24.79 11.83
C ASN F 25 9.42 25.83 11.67
N THR F 26 8.17 25.40 11.81
CA THR F 26 7.01 26.28 11.64
C THR F 26 7.09 27.48 12.57
N GLY F 27 7.53 27.22 13.81
CA GLY F 27 7.67 28.25 14.85
C GLY F 27 8.62 29.36 14.47
N GLU F 28 9.85 29.03 14.09
CA GLU F 28 10.80 30.05 13.64
C GLU F 28 10.30 30.73 12.36
N LEU F 29 9.63 29.97 11.52
CA LEU F 29 9.08 30.57 10.31
C LEU F 29 8.06 31.67 10.61
N ILE F 30 7.12 31.40 11.51
CA ILE F 30 6.10 32.42 11.87
C ILE F 30 6.68 33.63 12.63
N LYS F 31 7.60 33.34 13.56
CA LYS F 31 8.41 34.39 14.21
C LYS F 31 9.00 35.27 13.11
N GLY F 32 9.60 34.66 12.09
CA GLY F 32 10.23 35.38 11.00
C GLY F 32 9.26 36.23 10.25
N LEU F 33 8.14 35.65 9.86
CA LEU F 33 7.09 36.45 9.23
C LEU F 33 6.61 37.66 10.08
N ARG F 34 6.32 37.47 11.37
CA ARG F 34 5.82 38.57 12.19
C ARG F 34 6.88 39.65 12.14
N ASN F 35 8.14 39.28 12.40
CA ASN F 35 9.27 40.23 12.34
C ASN F 35 9.54 40.90 10.97
N TYR F 36 9.59 40.11 9.89
CA TYR F 36 10.18 40.60 8.64
C TYR F 36 9.27 40.57 7.45
N GLY F 37 8.10 39.96 7.62
CA GLY F 37 7.17 39.85 6.54
C GLY F 37 7.45 38.69 5.58
N PRO F 38 6.46 38.40 4.72
CA PRO F 38 6.69 37.32 3.77
C PRO F 38 7.63 37.86 2.69
N TYR F 39 8.15 36.96 1.88
CA TYR F 39 9.02 37.35 0.80
C TYR F 39 8.47 38.54 -0.01
N GLU F 40 7.18 38.51 -0.26
CA GLU F 40 6.60 39.53 -1.04
C GLU F 40 5.12 39.61 -0.71
N VAL F 41 4.74 40.68 -0.04
CA VAL F 41 3.35 41.03 0.24
C VAL F 41 2.64 41.25 -1.10
N PRO F 42 1.39 40.75 -1.25
CA PRO F 42 0.70 41.03 -2.49
C PRO F 42 0.31 42.50 -2.55
N SER F 43 0.17 43.05 -3.73
CA SER F 43 -0.25 44.44 -3.87
C SER F 43 -1.66 44.32 -4.35
N LEU F 44 -2.60 44.58 -3.47
CA LEU F 44 -3.99 44.37 -3.77
C LEU F 44 -4.58 45.64 -4.34
N LYS F 45 -5.70 45.51 -5.00
CA LYS F 45 -6.33 46.65 -5.63
C LYS F 45 -7.11 47.40 -4.57
N TYR F 46 -7.97 46.66 -3.84
CA TYR F 46 -8.94 47.28 -2.92
C TYR F 46 -8.79 47.02 -1.42
N ASN F 47 -7.80 46.24 -0.99
CA ASN F 47 -7.71 45.82 0.42
C ASN F 47 -9.04 45.42 1.09
N GLN F 48 -9.83 44.65 0.36
CA GLN F 48 -11.13 44.22 0.82
C GLN F 48 -11.32 42.77 0.40
N ILE F 49 -11.88 41.98 1.32
CA ILE F 49 -12.11 40.57 1.11
C ILE F 49 -13.52 40.30 1.50
N ALA F 50 -14.25 39.60 0.66
CA ALA F 50 -15.60 39.16 0.98
C ALA F 50 -15.63 37.86 1.75
N LEU F 51 -16.45 37.79 2.79
CA LEU F 51 -16.66 36.55 3.52
C LEU F 51 -18.11 36.14 3.30
N ILE F 52 -18.32 35.05 2.58
CA ILE F 52 -19.64 34.66 2.17
C ILE F 52 -20.02 33.42 2.95
N HIS F 53 -21.10 33.53 3.69
CA HIS F 53 -21.53 32.43 4.55
C HIS F 53 -23.05 32.41 4.77
N ASN F 54 -23.44 31.65 5.78
CA ASN F 54 -24.80 31.23 5.99
C ASN F 54 -24.96 31.03 7.49
N ASN F 55 -24.19 31.77 8.28
CA ASN F 55 -24.28 31.67 9.75
C ASN F 55 -24.30 33.07 10.34
N GLN F 56 -25.24 33.90 9.89
CA GLN F 56 -25.23 35.37 10.10
C GLN F 56 -24.95 35.91 11.52
N PHE F 57 -25.27 35.15 12.56
CA PHE F 57 -25.08 35.71 13.90
C PHE F 57 -24.10 34.91 14.77
N SER F 58 -23.73 33.75 14.27
CA SER F 58 -22.76 32.82 14.89
C SER F 58 -21.50 33.47 15.46
N SER F 59 -21.15 33.08 16.68
CA SER F 59 -19.97 33.59 17.37
C SER F 59 -18.68 33.15 16.69
N LEU F 60 -18.69 31.92 16.19
CA LEU F 60 -17.55 31.38 15.51
C LEU F 60 -17.16 32.28 14.31
N ILE F 61 -18.15 32.80 13.61
CA ILE F 61 -17.87 33.62 12.45
C ILE F 61 -17.11 34.90 12.86
N ASN F 62 -17.54 35.53 13.94
CA ASN F 62 -16.81 36.67 14.52
C ASN F 62 -15.38 36.33 14.86
N GLN F 63 -15.16 35.16 15.48
CA GLN F 63 -13.82 34.77 15.93
C GLN F 63 -12.93 34.54 14.73
N LEU F 64 -13.52 33.94 13.71
CA LEU F 64 -12.82 33.61 12.51
C LEU F 64 -12.44 34.90 11.84
N LYS F 65 -13.42 35.74 11.61
CA LYS F 65 -13.21 37.04 10.98
C LYS F 65 -12.09 37.82 11.70
N SER F 66 -12.19 37.93 13.02
CA SER F 66 -11.24 38.74 13.74
C SER F 66 -9.87 38.07 13.75
N GLN F 67 -9.84 36.76 13.83
CA GLN F 67 -8.56 36.09 13.71
C GLN F 67 -7.94 36.24 12.34
N ILE F 68 -8.73 36.06 11.29
CA ILE F 68 -8.26 36.30 9.92
C ILE F 68 -7.66 37.70 9.79
N SER F 69 -8.42 38.69 10.24
CA SER F 69 -7.97 40.08 10.07
C SER F 69 -6.74 40.48 10.92
N SER F 70 -6.64 40.03 12.16
CA SER F 70 -5.44 40.36 12.92
C SER F 70 -4.20 39.64 12.38
N LYS F 71 -4.29 38.34 12.11
CA LYS F 71 -3.14 37.60 11.53
C LYS F 71 -2.71 38.00 10.13
N ILE F 72 -3.64 38.37 9.28
CA ILE F 72 -3.23 38.78 7.93
C ILE F 72 -2.41 40.08 8.05
N ASP F 73 -2.69 40.84 9.13
CA ASP F 73 -1.98 42.09 9.42
C ASP F 73 -0.64 41.83 10.05
N GLU F 74 -0.59 41.02 11.09
CA GLU F 74 0.60 40.82 11.88
C GLU F 74 1.62 39.88 11.28
N VAL F 75 1.13 38.77 10.74
CA VAL F 75 1.99 37.72 10.21
C VAL F 75 2.31 38.05 8.77
N TRP F 76 1.31 38.50 8.00
CA TRP F 76 1.47 38.65 6.55
C TRP F 76 1.68 40.07 6.05
N HIS F 77 1.56 41.03 6.97
CA HIS F 77 1.87 42.42 6.71
C HIS F 77 1.06 43.00 5.58
N ILE F 78 -0.17 42.52 5.43
CA ILE F 78 -1.13 43.13 4.54
C ILE F 78 -2.06 44.02 5.39
N HIS F 79 -1.88 45.34 5.38
CA HIS F 79 -2.60 46.15 6.41
C HIS F 79 -3.95 46.61 5.94
N ASN F 80 -4.81 46.93 6.90
CA ASN F 80 -6.12 47.55 6.61
C ASN F 80 -7.02 46.71 5.75
N ILE F 81 -7.08 45.42 6.03
CA ILE F 81 -7.97 44.61 5.24
C ILE F 81 -9.30 44.78 5.86
N ASN F 82 -10.25 45.00 4.98
CA ASN F 82 -11.64 45.10 5.34
C ASN F 82 -12.36 43.85 4.87
N ILE F 83 -13.09 43.22 5.76
CA ILE F 83 -13.86 42.04 5.44
C ILE F 83 -15.36 42.29 5.54
N SER F 84 -16.02 42.32 4.40
CA SER F 84 -17.46 42.47 4.39
C SER F 84 -18.08 41.11 4.27
N GLU F 85 -19.24 40.98 4.91
CA GLU F 85 -20.00 39.74 4.95
C GLU F 85 -21.17 39.74 3.98
N PHE F 86 -21.43 38.57 3.39
CA PHE F 86 -22.57 38.33 2.52
C PHE F 86 -23.19 37.02 2.96
N ILE F 87 -24.46 37.10 3.32
CA ILE F 87 -25.16 35.96 3.80
C ILE F 87 -25.95 35.38 2.65
N TYR F 88 -25.90 34.06 2.51
CA TYR F 88 -26.81 33.38 1.62
C TYR F 88 -27.85 32.63 2.45
N ASP F 89 -29.05 32.44 1.91
CA ASP F 89 -30.14 31.91 2.72
C ASP F 89 -30.36 30.39 2.63
N SER F 90 -29.59 29.71 1.78
CA SER F 90 -29.68 28.26 1.67
C SER F 90 -28.50 27.76 0.88
N PRO F 91 -27.98 26.59 1.26
CA PRO F 91 -26.76 26.09 0.70
C PRO F 91 -27.02 25.42 -0.65
N HIS F 92 -27.27 26.24 -1.65
CA HIS F 92 -27.50 25.76 -3.00
C HIS F 92 -26.78 26.66 -4.00
N PHE F 93 -26.36 26.08 -5.11
CA PHE F 93 -25.57 26.79 -6.08
C PHE F 93 -26.10 28.19 -6.32
N ASP F 94 -27.30 28.26 -6.86
CA ASP F 94 -27.95 29.51 -7.22
C ASP F 94 -28.08 30.54 -6.10
N SER F 95 -28.46 30.10 -4.91
CA SER F 95 -28.49 31.00 -3.78
C SER F 95 -27.06 31.46 -3.45
N ILE F 96 -26.11 30.55 -3.37
CA ILE F 96 -24.77 30.98 -3.08
C ILE F 96 -24.19 31.89 -4.15
N LYS F 97 -24.47 31.64 -5.42
CA LYS F 97 -23.99 32.48 -6.53
C LYS F 97 -24.40 33.97 -6.47
N SER F 98 -25.65 34.25 -6.14
CA SER F 98 -26.08 35.65 -6.03
C SER F 98 -25.10 36.41 -5.14
N GLN F 99 -24.72 35.79 -4.03
CA GLN F 99 -23.82 36.45 -3.09
C GLN F 99 -22.42 36.61 -3.65
N VAL F 100 -21.87 35.55 -4.25
CA VAL F 100 -20.64 35.70 -5.01
C VAL F 100 -20.73 36.94 -5.91
N ASP F 101 -21.78 37.00 -6.74
CA ASP F 101 -21.93 38.12 -7.68
C ASP F 101 -22.06 39.51 -7.04
N ASN F 102 -22.86 39.58 -5.96
CA ASN F 102 -22.89 40.76 -5.11
C ASN F 102 -21.51 41.15 -4.64
N ALA F 103 -20.79 40.21 -4.07
CA ALA F 103 -19.45 40.49 -3.56
C ALA F 103 -18.63 41.01 -4.71
N ILE F 104 -18.72 40.34 -5.86
CA ILE F 104 -17.96 40.78 -7.02
C ILE F 104 -18.35 42.20 -7.45
N ASP F 105 -19.65 42.52 -7.41
CA ASP F 105 -20.12 43.90 -7.72
C ASP F 105 -19.61 45.00 -6.76
N THR F 106 -19.54 44.66 -5.49
CA THR F 106 -18.87 45.45 -4.44
C THR F 106 -17.38 45.83 -4.76
N GLY F 107 -16.70 45.01 -5.53
CA GLY F 107 -15.29 45.25 -5.83
C GLY F 107 -14.48 44.77 -4.65
N VAL F 108 -13.88 43.59 -4.80
CA VAL F 108 -13.17 42.90 -3.73
C VAL F 108 -11.89 42.25 -4.29
N ASP F 109 -10.87 42.04 -3.47
CA ASP F 109 -9.64 41.37 -3.95
C ASP F 109 -9.76 39.84 -3.97
N GLY F 110 -10.57 39.32 -3.05
CA GLY F 110 -10.81 37.88 -2.96
C GLY F 110 -12.04 37.52 -2.17
N ILE F 111 -12.52 36.30 -2.38
CA ILE F 111 -13.72 35.82 -1.71
C ILE F 111 -13.38 34.60 -0.89
N LEU F 113 -15.46 31.67 1.23
CA LEU F 113 -16.75 31.05 1.09
C LEU F 113 -16.86 29.85 1.99
N VAL F 114 -17.75 29.96 2.98
CA VAL F 114 -18.02 28.90 3.92
C VAL F 114 -19.20 28.08 3.44
N LEU F 115 -18.99 26.78 3.30
CA LEU F 115 -20.05 25.84 2.97
C LEU F 115 -20.34 25.07 4.24
N PRO F 116 -21.61 24.67 4.46
CA PRO F 116 -21.92 24.01 5.74
C PRO F 116 -21.22 22.69 5.96
N GLU F 117 -20.88 21.99 4.88
CA GLU F 117 -20.47 20.60 5.00
C GLU F 117 -19.90 20.07 3.71
N TYR F 118 -19.48 18.81 3.74
CA TYR F 118 -19.11 18.10 2.52
C TYR F 118 -20.22 18.07 1.46
N ASN F 119 -19.85 18.42 0.24
CA ASN F 119 -20.79 18.41 -0.84
C ASN F 119 -20.05 18.60 -2.13
N THR F 120 -19.58 17.48 -2.65
CA THR F 120 -18.67 17.49 -3.78
C THR F 120 -19.20 18.28 -4.98
N PRO F 121 -20.43 17.96 -5.45
CA PRO F 121 -21.02 18.68 -6.58
C PRO F 121 -21.19 20.19 -6.32
N LEU F 122 -21.62 20.58 -5.12
CA LEU F 122 -21.74 22.03 -4.83
C LEU F 122 -20.36 22.71 -4.89
N TYR F 123 -19.43 22.16 -4.12
CA TYR F 123 -18.07 22.63 -4.08
C TYR F 123 -17.49 22.86 -5.48
N TYR F 124 -17.54 21.83 -6.35
CA TYR F 124 -16.84 21.93 -7.64
C TYR F 124 -17.49 22.89 -8.61
N LYS F 125 -18.82 23.02 -8.53
CA LYS F 125 -19.51 24.03 -9.36
C LYS F 125 -19.21 25.45 -8.91
N LEU F 126 -19.31 25.73 -7.62
CA LEU F 126 -18.92 27.06 -7.12
C LEU F 126 -17.46 27.39 -7.37
N LYS F 127 -16.62 26.39 -7.16
CA LYS F 127 -15.20 26.65 -7.20
C LYS F 127 -14.76 26.90 -8.62
N SER F 128 -15.33 26.16 -9.56
CA SER F 128 -14.97 26.38 -10.92
C SER F 128 -15.41 27.77 -11.28
N TYR F 129 -16.57 28.20 -10.79
CA TYR F 129 -17.09 29.57 -11.01
C TYR F 129 -16.18 30.61 -10.40
N LEU F 130 -15.79 30.47 -9.15
CA LEU F 130 -14.79 31.40 -8.59
C LEU F 130 -13.44 31.42 -9.28
N ILE F 131 -12.92 30.28 -9.66
CA ILE F 131 -11.57 30.26 -10.24
C ILE F 131 -11.56 31.11 -11.53
N ASN F 132 -12.70 31.10 -12.24
CA ASN F 132 -12.87 31.91 -13.44
C ASN F 132 -13.08 33.42 -13.21
N SER F 133 -13.29 33.85 -11.96
CA SER F 133 -13.51 35.28 -11.73
C SER F 133 -12.56 35.95 -10.73
N ILE F 134 -12.16 35.26 -9.67
CA ILE F 134 -11.50 36.01 -8.60
C ILE F 134 -10.84 35.09 -7.54
N PRO F 135 -9.68 35.49 -6.98
CA PRO F 135 -9.09 34.59 -5.96
C PRO F 135 -10.07 34.16 -4.86
N SER F 136 -9.94 32.92 -4.40
CA SER F 136 -10.96 32.31 -3.56
C SER F 136 -10.41 31.27 -2.61
N GLN F 137 -11.03 31.22 -1.44
CA GLN F 137 -10.69 30.30 -0.42
C GLN F 137 -12.00 29.74 0.14
N PHE F 138 -12.22 28.47 -0.06
CA PHE F 138 -13.38 27.85 0.54
C PHE F 138 -13.03 27.45 1.96
N ARG F 140 -15.07 24.66 5.05
CA ARG F 140 -16.17 23.85 5.58
C ARG F 140 -16.49 24.25 7.01
N TYR F 141 -17.74 24.60 7.26
CA TYR F 141 -18.16 25.00 8.59
C TYR F 141 -18.05 23.84 9.59
N ASP F 142 -18.42 22.67 9.06
CA ASP F 142 -18.04 21.31 9.43
C ASP F 142 -16.71 21.14 10.15
N ILE F 143 -15.66 21.58 9.45
CA ILE F 143 -14.30 21.42 9.87
C ILE F 143 -13.86 22.63 10.68
N LEU F 144 -14.36 23.80 10.29
CA LEU F 144 -14.17 25.03 11.04
C LEU F 144 -14.62 24.92 12.50
N SER F 145 -15.75 24.24 12.75
CA SER F 145 -16.28 24.08 14.09
C SER F 145 -15.47 23.17 14.99
N ASN F 146 -14.60 22.34 14.42
CA ASN F 146 -13.95 21.30 15.20
C ASN F 146 -12.46 21.28 14.99
N ARG F 147 -11.83 22.45 15.07
CA ARG F 147 -10.40 22.61 14.89
C ARG F 147 -10.02 23.79 15.73
N ASN F 148 -8.77 23.87 16.16
CA ASN F 148 -8.40 24.89 17.16
C ASN F 148 -8.02 26.28 16.68
N LEU F 149 -8.68 26.72 15.60
CA LEU F 149 -8.77 28.13 15.14
C LEU F 149 -7.45 28.86 14.83
N THR F 150 -6.65 29.08 15.87
CA THR F 150 -5.24 29.45 15.76
C THR F 150 -4.65 28.65 14.61
N PHE F 151 -4.58 27.35 14.78
CA PHE F 151 -3.92 26.54 13.80
C PHE F 151 -4.62 26.71 12.44
N TYR F 152 -5.94 26.80 12.45
CA TYR F 152 -6.75 26.73 11.21
C TYR F 152 -6.53 27.96 10.33
N VAL F 153 -6.70 29.15 10.93
CA VAL F 153 -6.46 30.39 10.23
C VAL F 153 -5.00 30.51 9.75
N ASP F 154 -4.04 30.25 10.65
CA ASP F 154 -2.61 30.34 10.31
C ASP F 154 -2.29 29.58 9.00
N ASN F 155 -2.73 28.34 8.92
CA ASN F 155 -2.44 27.57 7.72
C ASN F 155 -3.24 28.03 6.51
N LEU F 156 -4.50 28.38 6.72
CA LEU F 156 -5.40 28.83 5.65
C LEU F 156 -4.83 30.06 4.92
N LEU F 157 -4.27 30.97 5.68
CA LEU F 157 -3.71 32.22 5.14
C LEU F 157 -2.47 32.03 4.22
N VAL F 158 -1.66 30.99 4.52
CA VAL F 158 -0.51 30.69 3.69
C VAL F 158 -0.94 30.66 2.22
N GLN F 159 -1.95 29.84 1.94
CA GLN F 159 -2.38 29.63 0.59
C GLN F 159 -3.29 30.76 0.07
N PHE F 160 -4.04 31.39 0.99
CA PHE F 160 -4.91 32.47 0.57
C PHE F 160 -4.07 33.68 0.10
N VAL F 161 -3.04 33.98 0.87
CA VAL F 161 -2.10 35.02 0.54
C VAL F 161 -1.54 34.71 -0.83
N SER F 162 -1.11 33.47 -1.01
CA SER F 162 -0.57 33.04 -2.30
C SER F 162 -1.61 33.15 -3.40
N LYS F 163 -2.84 32.71 -3.17
CA LYS F 163 -3.89 32.87 -4.19
C LYS F 163 -4.07 34.37 -4.57
N LEU F 164 -3.86 35.27 -3.60
CA LEU F 164 -3.92 36.72 -3.84
C LEU F 164 -2.67 37.31 -4.54
N GLY F 165 -1.72 36.47 -4.92
CA GLY F 165 -0.53 36.95 -5.59
C GLY F 165 0.67 37.17 -4.68
N GLY F 166 0.55 36.92 -3.38
CA GLY F 166 1.73 37.06 -2.49
C GLY F 166 2.66 35.87 -2.55
N LYS F 167 3.87 36.00 -2.01
CA LYS F 167 4.86 34.98 -2.00
C LYS F 167 5.35 34.78 -0.58
N PRO F 168 4.80 33.79 0.14
CA PRO F 168 5.19 33.61 1.52
C PRO F 168 6.70 33.52 1.71
N TRP F 169 7.38 32.68 0.95
CA TRP F 169 8.78 32.47 1.20
C TRP F 169 9.29 31.69 0.02
N ILE F 170 10.57 31.79 -0.26
CA ILE F 170 11.12 31.05 -1.42
C ILE F 170 12.40 30.38 -0.95
N LEU F 171 12.92 29.48 -1.78
CA LEU F 171 14.16 28.86 -1.43
C LEU F 171 15.33 29.83 -1.58
N ASN F 172 16.22 29.80 -0.60
CA ASN F 172 17.56 30.37 -0.76
C ASN F 172 18.39 29.49 -1.69
N VAL F 173 18.73 30.02 -2.86
CA VAL F 173 19.42 29.17 -3.85
C VAL F 173 20.73 29.72 -4.27
N ASP F 174 21.63 28.80 -4.54
CA ASP F 174 22.89 29.11 -5.19
C ASP F 174 22.58 29.50 -6.63
N PRO F 175 22.88 30.76 -7.01
CA PRO F 175 22.49 31.11 -8.40
C PRO F 175 23.35 30.37 -9.45
N GLU F 176 24.37 29.65 -9.03
CA GLU F 176 25.22 28.96 -9.98
C GLU F 176 24.98 27.47 -10.03
N LYS F 177 24.00 26.96 -9.29
CA LYS F 177 23.69 25.54 -9.35
C LYS F 177 22.28 25.46 -9.89
N GLY F 178 21.94 24.27 -10.40
CA GLY F 178 20.63 23.99 -10.96
C GLY F 178 20.21 24.82 -12.17
N SER F 179 18.91 24.96 -12.31
CA SER F 179 18.29 25.27 -13.57
C SER F 179 17.90 26.71 -13.59
N ASP F 180 17.93 27.33 -14.77
CA ASP F 180 17.44 28.66 -14.89
C ASP F 180 15.96 28.52 -14.81
N ILE F 181 15.41 27.48 -15.41
CA ILE F 181 14.00 27.15 -15.21
C ILE F 181 13.75 25.65 -15.24
N ILE F 182 12.70 25.25 -14.54
CA ILE F 182 12.25 23.91 -14.58
C ILE F 182 10.84 23.92 -15.14
N ILE F 183 10.61 23.12 -16.17
CA ILE F 183 9.28 22.91 -16.69
C ILE F 183 8.70 21.60 -16.15
N GLY F 184 7.66 21.72 -15.32
CA GLY F 184 6.97 20.52 -14.88
C GLY F 184 5.88 20.17 -15.87
N THR F 185 5.89 18.94 -16.38
CA THR F 185 5.01 18.64 -17.48
C THR F 185 4.68 17.16 -17.58
N GLY F 186 3.81 16.84 -18.53
CA GLY F 186 3.20 15.54 -18.56
C GLY F 186 1.71 15.68 -18.77
N ALA F 187 0.98 14.70 -18.27
CA ALA F 187 -0.43 14.58 -18.52
C ALA F 187 -1.02 13.76 -17.41
N THR F 188 -2.33 13.89 -17.23
CA THR F 188 -3.05 13.16 -16.21
C THR F 188 -4.38 12.71 -16.77
N ARG F 189 -4.78 11.49 -16.40
CA ARG F 189 -6.08 10.90 -16.77
C ARG F 189 -7.20 11.43 -15.88
N ILE F 190 -8.17 12.10 -16.49
CA ILE F 190 -9.44 12.46 -15.86
C ILE F 190 -10.27 11.20 -15.52
N ASP F 191 -10.16 10.20 -16.39
CA ASP F 191 -10.76 8.88 -16.28
C ASP F 191 -10.13 8.17 -17.50
N ASN F 192 -10.34 6.87 -17.64
CA ASN F 192 -9.74 6.13 -18.75
C ASN F 192 -10.43 6.55 -20.01
N VAL F 193 -9.71 7.26 -20.86
CA VAL F 193 -10.15 7.71 -22.20
C VAL F 193 -9.73 9.15 -22.40
N ASN F 194 -10.06 10.01 -21.43
CA ASN F 194 -9.67 11.42 -21.50
C ASN F 194 -8.56 11.77 -20.57
N LEU F 195 -7.72 12.66 -21.04
CA LEU F 195 -6.67 13.23 -20.22
C LEU F 195 -6.53 14.69 -20.56
N PHE F 196 -5.62 15.36 -19.85
CA PHE F 196 -5.15 16.65 -20.33
C PHE F 196 -3.66 16.75 -20.05
N CYS F 197 -3.03 17.62 -20.84
CA CYS F 197 -1.63 17.95 -20.71
C CYS F 197 -1.44 19.25 -19.88
N PHE F 198 -0.31 19.36 -19.21
CA PHE F 198 0.00 20.56 -18.47
C PHE F 198 1.51 20.83 -18.64
N ALA F 199 1.90 22.05 -18.37
CA ALA F 199 3.28 22.48 -18.50
C ALA F 199 3.33 23.67 -17.62
N VAL F 201 6.01 26.44 -15.47
CA VAL F 201 7.38 26.94 -15.44
C VAL F 201 7.76 27.44 -14.04
N PHE F 202 8.86 26.95 -13.47
CA PHE F 202 9.23 27.33 -12.09
C PHE F 202 10.63 27.90 -12.10
N LYS F 203 10.87 28.83 -11.18
CA LYS F 203 12.24 29.23 -10.85
C LYS F 203 12.87 28.17 -9.97
N LYS F 204 14.19 28.12 -9.96
CA LYS F 204 14.85 27.21 -9.04
C LYS F 204 14.50 27.49 -7.55
N ASP F 205 13.93 28.64 -7.25
CA ASP F 205 13.70 28.95 -5.87
C ASP F 205 12.32 28.48 -5.43
N GLY F 206 11.61 27.84 -6.38
CA GLY F 206 10.31 27.25 -6.07
C GLY F 206 9.14 28.06 -6.61
N THR F 207 9.40 29.27 -7.07
CA THR F 207 8.35 30.15 -7.58
C THR F 207 7.84 29.66 -8.93
N LEU F 209 6.28 30.53 -12.42
CA LEU F 209 6.26 31.74 -13.21
C LEU F 209 5.09 31.78 -14.18
N TRP F 210 4.70 30.63 -14.71
CA TRP F 210 3.67 30.56 -15.72
C TRP F 210 3.13 29.12 -15.79
N ASN F 211 1.84 28.97 -16.02
CA ASN F 211 1.29 27.63 -16.26
C ASN F 211 0.25 27.51 -17.39
N GLU F 212 0.36 26.46 -18.20
CA GLU F 212 -0.65 26.13 -19.23
C GLU F 212 -1.31 24.74 -19.09
N ILE F 213 -2.56 24.64 -19.52
CA ILE F 213 -3.29 23.40 -19.52
C ILE F 213 -3.85 23.17 -20.94
N SER F 214 -3.70 21.97 -21.48
CA SER F 214 -4.28 21.65 -22.76
C SER F 214 -5.80 21.49 -22.53
N PRO F 215 -6.63 21.67 -23.57
CA PRO F 215 -8.04 21.24 -23.38
C PRO F 215 -8.10 19.76 -23.00
N ILE F 216 -9.25 19.26 -22.56
CA ILE F 216 -9.38 17.81 -22.38
C ILE F 216 -9.46 17.12 -23.72
N VAL F 217 -8.64 16.09 -23.88
CA VAL F 217 -8.60 15.31 -25.14
C VAL F 217 -8.39 13.81 -24.81
N THR F 218 -8.27 12.96 -25.82
CA THR F 218 -7.98 11.54 -25.60
C THR F 218 -6.51 11.22 -25.82
N SER F 219 -6.12 10.08 -25.28
CA SER F 219 -4.88 9.39 -25.58
C SER F 219 -4.37 9.51 -27.03
N SER F 220 -5.24 9.82 -27.99
CA SER F 220 -4.80 9.72 -29.35
C SER F 220 -4.19 11.04 -29.77
N GLU F 221 -4.33 12.05 -28.94
CA GLU F 221 -3.69 13.32 -29.25
C GLU F 221 -2.67 13.66 -28.19
N TYR F 222 -2.21 12.65 -27.47
CA TYR F 222 -1.33 12.92 -26.34
C TYR F 222 -0.11 13.72 -26.79
N LEU F 223 0.67 13.18 -27.69
CA LEU F 223 1.92 13.81 -28.04
C LEU F 223 1.75 15.19 -28.61
N THR F 224 0.80 15.37 -29.52
CA THR F 224 0.49 16.66 -30.13
C THR F 224 0.23 17.70 -29.06
N TYR F 225 -0.58 17.34 -28.06
CA TYR F 225 -0.92 18.38 -27.11
C TYR F 225 0.19 18.59 -26.11
N LEU F 226 0.95 17.53 -25.85
CA LEU F 226 2.10 17.69 -24.97
C LEU F 226 3.03 18.74 -25.58
N LYS F 227 3.23 18.67 -26.88
CA LYS F 227 4.16 19.54 -27.56
C LYS F 227 3.58 20.93 -27.57
N SER F 228 2.31 21.07 -27.89
CA SER F 228 1.79 22.46 -27.91
C SER F 228 1.66 23.12 -26.54
N THR F 229 1.48 22.33 -25.49
CA THR F 229 1.28 22.94 -24.17
C THR F 229 2.61 23.47 -23.66
N ILE F 230 3.64 22.64 -23.81
CA ILE F 230 5.01 23.04 -23.48
C ILE F 230 5.42 24.36 -24.17
N LYS F 231 5.26 24.44 -25.48
CA LYS F 231 5.54 25.66 -26.27
C LYS F 231 4.76 26.86 -25.78
N LYS F 232 3.45 26.69 -25.62
CA LYS F 232 2.61 27.75 -25.05
C LYS F 232 3.14 28.21 -23.70
N VAL F 233 3.60 27.30 -22.86
CA VAL F 233 4.09 27.77 -21.59
C VAL F 233 5.40 28.54 -21.75
N VAL F 234 6.23 28.11 -22.71
CA VAL F 234 7.49 28.82 -22.94
C VAL F 234 7.24 30.20 -23.62
N TYR F 235 6.44 30.25 -24.70
CA TYR F 235 5.97 31.54 -25.23
C TYR F 235 5.46 32.43 -24.14
N GLY F 236 4.66 31.86 -23.23
CA GLY F 236 4.11 32.65 -22.10
C GLY F 236 5.15 33.22 -21.14
N PHE F 237 6.02 32.35 -20.65
CA PHE F 237 7.08 32.77 -19.75
C PHE F 237 8.00 33.77 -20.48
N LYS F 238 8.37 33.50 -21.73
CA LYS F 238 9.36 34.33 -22.40
C LYS F 238 8.78 35.67 -22.76
N LYS F 239 7.49 35.71 -23.07
CA LYS F 239 6.85 37.00 -23.37
C LYS F 239 6.89 37.96 -22.18
N SER F 240 6.93 37.43 -20.96
CA SER F 240 6.87 38.30 -19.80
C SER F 240 8.12 38.13 -18.91
N ASN F 241 9.15 37.53 -19.48
CA ASN F 241 10.48 37.57 -18.87
C ASN F 241 11.49 37.64 -20.01
N PRO F 242 11.37 38.67 -20.89
CA PRO F 242 12.04 38.63 -22.21
C PRO F 242 13.58 38.78 -22.16
N ASP F 243 14.08 39.29 -21.03
CA ASP F 243 15.53 39.45 -20.80
C ASP F 243 16.15 38.25 -20.07
N TRP F 244 15.38 37.19 -19.95
CA TRP F 244 15.90 35.99 -19.36
C TRP F 244 16.41 34.96 -20.41
N ASP F 245 17.67 35.08 -20.78
CA ASP F 245 18.33 34.10 -21.64
C ASP F 245 18.52 32.79 -20.82
N VAL F 246 17.68 31.78 -21.07
CA VAL F 246 17.68 30.46 -20.41
C VAL F 246 18.78 29.52 -20.95
N GLU F 247 19.79 29.23 -20.14
CA GLU F 247 20.94 28.44 -20.57
C GLU F 247 20.96 27.05 -20.00
N LYS F 248 20.20 26.82 -18.94
CA LYS F 248 20.05 25.51 -18.28
C LYS F 248 18.56 25.18 -18.03
N LEU F 249 18.11 24.05 -18.56
CA LEU F 249 16.70 23.72 -18.60
C LEU F 249 16.53 22.29 -18.11
N THR F 250 15.45 22.08 -17.37
CA THR F 250 15.14 20.77 -16.83
C THR F 250 13.65 20.55 -17.02
N LEU F 251 13.28 19.39 -17.53
CA LEU F 251 11.85 19.09 -17.51
C LEU F 251 11.67 17.97 -16.53
N HIS F 252 10.67 18.14 -15.66
CA HIS F 252 10.24 17.08 -14.74
C HIS F 252 8.93 16.57 -15.27
N VAL F 253 8.94 15.36 -15.76
CA VAL F 253 7.72 14.84 -16.35
C VAL F 253 7.04 13.98 -15.35
N SER F 254 5.76 14.17 -15.15
CA SER F 254 5.01 13.26 -14.30
C SER F 254 3.57 13.08 -14.78
N GLY F 255 2.80 12.32 -14.00
CA GLY F 255 1.35 12.10 -14.19
C GLY F 255 1.04 10.69 -14.73
N LYS F 256 -0.07 10.11 -14.30
CA LYS F 256 -0.61 8.90 -14.91
C LYS F 256 -1.12 9.26 -16.28
N ARG F 257 -0.47 8.69 -17.28
CA ARG F 257 -0.61 9.09 -18.67
C ARG F 257 -0.34 7.89 -19.54
N PRO F 258 -0.54 7.99 -20.84
CA PRO F 258 -0.29 6.82 -21.69
C PRO F 258 1.17 6.29 -21.64
N LYS F 259 1.32 5.01 -21.89
CA LYS F 259 2.62 4.34 -21.97
C LYS F 259 3.19 4.53 -23.34
N LYS F 261 6.53 6.07 -23.74
CA LYS F 261 7.78 6.63 -23.27
C LYS F 261 8.74 7.18 -24.36
N ASP F 262 9.07 6.36 -25.37
CA ASP F 262 10.00 6.79 -26.41
C ASP F 262 9.48 7.91 -27.33
N GLY F 263 8.23 7.82 -27.78
CA GLY F 263 7.70 8.93 -28.58
C GLY F 263 7.64 10.18 -27.73
N GLU F 264 7.30 9.98 -26.48
CA GLU F 264 7.30 11.10 -25.52
C GLU F 264 8.68 11.74 -25.42
N THR F 265 9.69 10.94 -25.08
CA THR F 265 11.08 11.52 -25.06
C THR F 265 11.50 12.13 -26.40
N LYS F 266 11.18 11.41 -27.45
CA LYS F 266 11.35 11.95 -28.77
C LYS F 266 10.66 13.31 -28.98
N ILE F 267 9.34 13.49 -28.69
CA ILE F 267 8.79 14.84 -28.97
C ILE F 267 9.31 15.92 -28.06
N LEU F 268 9.67 15.52 -26.82
CA LEU F 268 10.19 16.48 -25.86
C LEU F 268 11.51 17.00 -26.36
N LYS F 269 12.36 16.13 -26.91
CA LYS F 269 13.59 16.61 -27.55
C LYS F 269 13.39 17.49 -28.75
N GLU F 270 12.34 17.28 -29.54
CA GLU F 270 12.12 18.16 -30.71
C GLU F 270 11.57 19.43 -30.20
N THR F 271 10.70 19.33 -29.20
CA THR F 271 10.17 20.55 -28.59
C THR F 271 11.29 21.48 -28.13
N VAL F 272 12.30 20.94 -27.46
CA VAL F 272 13.46 21.76 -27.07
C VAL F 272 14.19 22.31 -28.32
N GLU F 273 14.52 21.43 -29.28
CA GLU F 273 15.08 21.89 -30.55
C GLU F 273 14.33 23.07 -31.16
N GLU F 274 13.01 23.02 -31.15
CA GLU F 274 12.21 24.07 -31.79
C GLU F 274 12.26 25.38 -31.06
N LEU F 275 12.39 25.34 -29.74
CA LEU F 275 12.42 26.57 -28.94
C LEU F 275 13.77 27.26 -29.04
N LYS F 276 14.80 26.47 -29.35
CA LYS F 276 16.14 26.97 -29.60
C LYS F 276 16.13 27.84 -30.84
N LYS F 277 15.55 27.30 -31.91
CA LYS F 277 15.56 27.98 -33.22
C LYS F 277 14.58 29.15 -33.27
N GLN F 278 13.54 29.13 -32.43
CA GLN F 278 12.71 30.32 -32.28
C GLN F 278 13.33 31.29 -31.29
N GLU F 279 14.43 30.84 -30.69
CA GLU F 279 15.23 31.64 -29.78
C GLU F 279 14.55 31.94 -28.45
N VAL F 281 14.94 29.81 -25.81
CA VAL F 281 15.99 29.41 -24.89
C VAL F 281 17.31 29.45 -25.65
N SER F 282 18.41 29.65 -24.94
CA SER F 282 19.73 29.80 -25.55
C SER F 282 20.03 28.73 -26.60
N ARG F 283 20.70 29.12 -27.69
CA ARG F 283 21.18 28.17 -28.69
C ARG F 283 22.16 27.19 -28.06
N ASP F 284 22.71 27.54 -26.90
CA ASP F 284 23.66 26.64 -26.23
C ASP F 284 23.04 25.91 -25.02
N VAL F 285 21.71 25.90 -24.96
CA VAL F 285 20.98 25.40 -23.79
C VAL F 285 21.43 24.01 -23.40
N LYS F 286 21.60 23.81 -22.12
CA LYS F 286 21.95 22.52 -21.63
C LYS F 286 20.66 22.01 -20.98
N TYR F 287 20.20 20.81 -21.36
CA TYR F 287 18.90 20.36 -20.86
C TYR F 287 18.86 18.87 -20.48
N ALA F 288 17.89 18.53 -19.64
CA ALA F 288 17.65 17.13 -19.27
C ALA F 288 16.17 16.88 -19.16
N ILE F 289 15.75 15.67 -19.52
CA ILE F 289 14.37 15.24 -19.33
C ILE F 289 14.33 14.18 -18.24
N LEU F 290 13.60 14.48 -17.17
CA LEU F 290 13.57 13.63 -15.97
C LEU F 290 12.15 13.14 -15.79
N HIS F 291 12.00 11.84 -15.57
CA HIS F 291 10.71 11.31 -15.09
C HIS F 291 10.70 11.21 -13.58
N LEU F 292 9.69 11.80 -12.94
CA LEU F 292 9.53 11.68 -11.48
C LEU F 292 8.31 10.84 -11.16
N ASN F 293 8.52 9.78 -10.40
CA ASN F 293 7.38 8.89 -10.13
C ASN F 293 7.31 8.59 -8.66
N GLU F 294 6.11 8.56 -8.14
CA GLU F 294 6.02 8.11 -6.79
C GLU F 294 6.17 6.60 -6.78
N THR F 295 6.62 6.05 -5.65
CA THR F 295 6.73 4.59 -5.44
C THR F 295 6.04 4.22 -4.13
N HIS F 296 5.98 2.94 -3.82
CA HIS F 296 5.28 2.48 -2.62
C HIS F 296 6.20 2.73 -1.40
N PRO F 297 5.64 2.63 -0.18
CA PRO F 297 6.39 2.77 1.07
C PRO F 297 7.39 1.66 1.39
N PHE F 298 8.49 2.04 2.07
CA PHE F 298 9.48 1.09 2.55
C PHE F 298 9.73 1.27 4.02
N TRP F 299 9.91 0.16 4.74
CA TRP F 299 10.54 0.24 6.04
C TRP F 299 12.02 0.34 5.78
N VAL F 300 12.69 1.31 6.36
CA VAL F 300 14.12 1.45 6.13
C VAL F 300 14.89 1.63 7.41
N GLY F 302 19.09 2.29 8.49
CA GLY F 302 20.51 2.30 8.20
C GLY F 302 21.15 1.03 8.73
N ASP F 303 22.23 0.58 8.10
CA ASP F 303 22.97 -0.51 8.67
C ASP F 303 23.78 0.02 9.88
N PRO F 304 23.53 -0.55 11.08
CA PRO F 304 24.13 -0.16 12.37
C PRO F 304 25.66 -0.02 12.36
N ASN F 305 26.15 1.06 12.98
CA ASN F 305 27.59 1.43 13.11
C ASN F 305 28.50 1.41 11.85
N ASN F 306 28.10 0.67 10.80
CA ASN F 306 28.68 0.87 9.46
C ASN F 306 28.03 2.17 8.98
N ARG F 307 26.98 2.52 9.72
CA ARG F 307 26.55 3.89 9.95
C ARG F 307 26.38 4.78 8.73
N PHE F 308 25.43 4.39 7.90
CA PHE F 308 24.80 5.34 7.01
C PHE F 308 23.32 5.40 7.41
N HIS F 309 22.92 6.53 8.00
CA HIS F 309 21.54 6.72 8.45
C HIS F 309 20.74 7.40 7.34
N PRO F 310 19.76 6.72 6.76
CA PRO F 310 18.97 7.36 5.71
C PRO F 310 18.24 8.63 6.14
N TYR F 311 18.96 9.73 6.24
CA TYR F 311 18.33 11.02 6.41
C TYR F 311 17.55 11.47 5.16
N GLU F 312 16.67 12.42 5.37
CA GLU F 312 15.94 13.10 4.32
C GLU F 312 16.56 13.24 2.93
N GLY F 313 17.74 13.79 2.80
CA GLY F 313 18.09 13.98 1.39
C GLY F 313 18.76 12.80 0.73
N THR F 314 18.42 11.58 1.13
CA THR F 314 19.18 10.46 0.64
C THR F 314 18.93 10.18 -0.85
N LYS F 315 20.03 10.13 -1.60
CA LYS F 315 20.05 9.72 -3.00
C LYS F 315 20.67 8.32 -3.16
N VAL F 316 19.87 7.43 -3.72
CA VAL F 316 20.25 6.06 -3.95
C VAL F 316 20.33 5.75 -5.45
N LYS F 317 21.51 5.36 -5.87
CA LYS F 317 21.76 5.11 -7.26
C LYS F 317 21.32 3.69 -7.61
N LEU F 318 20.25 3.54 -8.40
CA LEU F 318 19.84 2.22 -8.92
C LEU F 318 20.58 1.83 -10.20
N SER F 319 20.79 2.77 -11.12
CA SER F 319 21.52 2.55 -12.37
C SER F 319 22.12 3.90 -12.69
N SER F 320 22.65 4.09 -13.89
CA SER F 320 23.23 5.38 -14.30
C SER F 320 22.18 6.43 -14.56
N LYS F 321 20.94 5.98 -14.73
CA LYS F 321 19.87 6.83 -15.21
C LYS F 321 18.77 6.92 -14.14
N ARG F 322 18.72 5.93 -13.22
CA ARG F 322 17.59 5.80 -12.27
C ARG F 322 18.03 5.94 -10.80
N TYR F 323 17.44 6.90 -10.10
CA TYR F 323 17.75 7.14 -8.70
C TYR F 323 16.51 7.05 -7.84
N LEU F 324 16.70 6.71 -6.56
CA LEU F 324 15.68 6.93 -5.57
C LEU F 324 16.06 8.15 -4.70
N LEU F 325 15.08 8.95 -4.32
CA LEU F 325 15.39 10.12 -3.56
C LEU F 325 14.40 10.11 -2.41
N THR F 326 14.87 10.14 -1.17
CA THR F 326 13.96 10.20 -0.04
C THR F 326 13.59 11.67 0.30
N LEU F 327 12.36 11.88 0.71
CA LEU F 327 11.89 13.24 0.96
C LEU F 327 11.57 13.44 2.43
N LEU F 328 11.47 12.34 3.16
CA LEU F 328 11.08 12.36 4.56
C LEU F 328 12.16 11.62 5.32
N GLN F 329 12.32 11.98 6.59
CA GLN F 329 13.14 11.22 7.49
C GLN F 329 12.33 10.05 8.06
N PRO F 330 12.96 8.88 8.25
CA PRO F 330 12.29 7.69 8.84
C PRO F 330 12.38 7.53 10.37
N TYR F 331 13.24 8.32 11.00
CA TYR F 331 13.45 8.30 12.44
C TYR F 331 12.99 9.67 12.89
N LEU F 332 11.81 9.74 13.52
CA LEU F 332 11.28 10.98 14.12
C LEU F 332 11.65 11.15 15.61
N LYS F 333 11.36 12.33 16.18
CA LYS F 333 11.41 12.56 17.63
C LYS F 333 10.59 13.77 18.09
N ARG F 334 9.51 13.52 18.83
CA ARG F 334 8.75 14.58 19.52
C ARG F 334 8.99 14.44 21.02
N ASN F 335 9.52 15.48 21.65
CA ASN F 335 9.88 15.47 23.08
C ASN F 335 10.64 14.16 23.41
N GLY F 336 10.15 13.36 24.36
CA GLY F 336 10.82 12.11 24.76
C GLY F 336 10.45 10.82 24.05
N LEU F 337 9.95 10.94 22.81
CA LEU F 337 9.46 9.79 22.03
C LEU F 337 10.03 9.74 20.61
N GLU F 338 10.89 8.74 20.35
CA GLU F 338 11.27 8.37 18.97
C GLU F 338 10.22 7.47 18.33
N VAL F 340 9.51 5.21 14.42
CA VAL F 340 9.89 4.85 13.06
C VAL F 340 8.68 4.85 12.17
N THR F 341 8.86 5.30 10.94
CA THR F 341 7.82 5.32 9.94
C THR F 341 8.41 4.92 8.59
N PRO F 342 7.57 4.36 7.70
CA PRO F 342 8.00 4.09 6.33
C PRO F 342 8.29 5.39 5.56
N ILE F 343 9.36 5.38 4.77
CA ILE F 343 9.60 6.41 3.76
C ILE F 343 8.94 6.00 2.44
N LYS F 344 8.56 7.00 1.66
CA LYS F 344 8.00 6.78 0.35
C LYS F 344 8.92 7.51 -0.69
N PRO F 345 10.00 6.87 -1.13
CA PRO F 345 10.96 7.69 -1.83
C PRO F 345 10.49 8.00 -3.24
N LEU F 346 11.04 9.06 -3.84
CA LEU F 346 10.70 9.44 -5.21
C LEU F 346 11.68 8.81 -6.19
N SER F 347 11.13 8.26 -7.24
CA SER F 347 11.93 7.68 -8.25
C SER F 347 12.23 8.76 -9.24
N VAL F 348 13.50 8.83 -9.68
CA VAL F 348 13.92 9.88 -10.60
C VAL F 348 14.72 9.33 -11.73
N GLU F 349 14.24 9.54 -12.93
CA GLU F 349 14.87 8.91 -14.03
C GLU F 349 15.35 9.89 -15.09
N ILE F 350 16.64 9.87 -15.38
CA ILE F 350 17.22 10.76 -16.38
C ILE F 350 17.01 10.14 -17.76
N VAL F 351 15.96 10.59 -18.42
CA VAL F 351 15.58 9.99 -19.65
C VAL F 351 16.40 10.52 -20.87
N SER F 352 16.79 11.79 -20.87
CA SER F 352 17.59 12.36 -21.94
C SER F 352 18.27 13.61 -21.45
N ASP F 353 19.41 13.90 -22.03
CA ASP F 353 20.10 15.10 -21.73
C ASP F 353 21.07 15.31 -22.88
N ASN F 354 21.48 16.56 -23.13
CA ASN F 354 22.57 16.85 -24.05
C ASN F 354 23.84 17.27 -23.29
N TRP F 355 24.07 16.66 -22.12
CA TRP F 355 25.24 17.03 -21.30
C TRP F 355 26.49 16.43 -21.89
N THR F 356 27.63 17.12 -21.79
CA THR F 356 28.91 16.47 -22.16
C THR F 356 29.15 15.28 -21.27
N SER F 357 29.84 14.27 -21.76
CA SER F 357 30.00 13.04 -20.97
C SER F 357 30.72 13.25 -19.62
N GLU F 358 31.60 14.24 -19.54
CA GLU F 358 32.43 14.44 -18.34
C GLU F 358 31.68 15.13 -17.23
N GLU F 359 30.67 15.92 -17.57
CA GLU F 359 29.83 16.70 -16.68
C GLU F 359 28.71 15.90 -16.01
N TYR F 360 28.37 14.75 -16.57
CA TYR F 360 27.15 13.98 -16.26
C TYR F 360 26.75 13.79 -14.78
N TYR F 361 27.63 13.19 -14.01
CA TYR F 361 27.32 12.92 -12.61
C TYR F 361 27.27 14.18 -11.73
N HIS F 362 27.99 15.21 -12.12
CA HIS F 362 27.86 16.47 -11.45
C HIS F 362 26.50 17.05 -11.76
N ASN F 363 26.02 16.89 -12.97
CA ASN F 363 24.71 17.46 -13.27
C ASN F 363 23.63 16.62 -12.63
N VAL F 364 23.78 15.32 -12.66
CA VAL F 364 22.79 14.47 -12.06
C VAL F 364 22.57 14.87 -10.57
N HIS F 365 23.67 15.13 -9.87
CA HIS F 365 23.56 15.50 -8.50
C HIS F 365 23.03 16.92 -8.32
N GLU F 366 23.38 17.85 -9.21
CA GLU F 366 22.72 19.15 -9.14
C GLU F 366 21.20 19.02 -9.29
N ILE F 367 20.76 18.14 -10.19
CA ILE F 367 19.34 18.05 -10.53
C ILE F 367 18.61 17.34 -9.42
N LEU F 368 19.25 16.33 -8.84
CA LEU F 368 18.65 15.61 -7.73
C LEU F 368 18.52 16.48 -6.46
N ASP F 369 19.54 17.26 -6.15
CA ASP F 369 19.47 18.20 -5.02
C ASP F 369 18.32 19.18 -5.21
N GLU F 370 18.25 19.73 -6.42
CA GLU F 370 17.21 20.64 -6.79
C GLU F 370 15.82 20.05 -6.53
N ILE F 371 15.61 18.80 -6.90
CA ILE F 371 14.32 18.15 -6.72
C ILE F 371 14.00 18.09 -5.23
N TYR F 372 15.02 17.79 -4.45
CA TYR F 372 14.87 17.74 -3.03
C TYR F 372 14.51 19.15 -2.50
N TYR F 373 15.26 20.18 -2.90
CA TYR F 373 14.93 21.55 -2.45
C TYR F 373 13.50 21.86 -2.83
N LEU F 374 13.09 21.42 -4.01
CA LEU F 374 11.78 21.75 -4.50
C LEU F 374 10.70 21.03 -3.72
N SER F 375 11.04 19.93 -3.03
CA SER F 375 10.06 19.27 -2.18
C SER F 375 9.72 20.06 -0.89
N LYS F 376 10.48 21.11 -0.61
CA LYS F 376 10.32 21.86 0.61
C LYS F 376 9.50 23.11 0.35
N ASN F 378 5.86 24.63 -0.87
CA ASN F 378 4.51 24.14 -0.94
C ASN F 378 3.70 25.22 -0.34
N TRP F 379 3.04 26.03 -1.15
CA TRP F 379 2.26 27.12 -0.53
C TRP F 379 0.84 26.76 -0.08
N ARG F 380 0.58 25.49 0.10
CA ARG F 380 -0.69 25.05 0.61
C ARG F 380 -0.80 25.25 2.10
N GLY F 381 0.33 25.41 2.80
CA GLY F 381 0.32 25.59 4.24
C GLY F 381 1.73 25.52 4.79
N PHE F 382 1.86 25.41 6.10
CA PHE F 382 3.14 25.36 6.78
C PHE F 382 3.85 24.01 6.73
N ARG F 383 3.11 22.97 6.46
CA ARG F 383 3.75 21.69 6.48
C ARG F 383 4.10 21.37 5.08
N SER F 384 5.41 21.33 4.82
CA SER F 384 5.93 21.06 3.49
C SER F 384 5.34 19.76 2.85
N ARG F 385 4.18 19.79 2.19
CA ARG F 385 3.78 18.56 1.49
C ARG F 385 5.05 18.14 0.81
N ASN F 386 5.45 16.91 1.09
CA ASN F 386 6.77 16.45 0.79
C ASN F 386 6.75 15.71 -0.54
N LEU F 387 6.74 16.53 -1.58
CA LEU F 387 6.71 16.12 -2.96
C LEU F 387 7.15 17.38 -3.70
N PRO F 388 8.02 17.24 -4.70
CA PRO F 388 8.42 18.50 -5.36
C PRO F 388 7.24 19.25 -5.95
N VAL F 389 7.32 20.59 -5.87
CA VAL F 389 6.22 21.44 -6.38
C VAL F 389 5.98 21.19 -7.84
N THR F 390 7.04 20.84 -8.56
CA THR F 390 6.93 20.50 -10.00
C THR F 390 6.02 19.31 -10.35
N VAL F 391 5.85 18.38 -9.41
CA VAL F 391 4.88 17.29 -9.49
C VAL F 391 3.60 17.56 -8.70
N ASN F 392 3.72 18.23 -7.57
CA ASN F 392 2.57 18.34 -6.70
C ASN F 392 1.53 19.36 -7.17
N TYR F 393 1.98 20.50 -7.65
CA TYR F 393 1.08 21.48 -8.24
C TYR F 393 0.24 20.95 -9.41
N PRO F 394 0.89 20.45 -10.49
CA PRO F 394 0.15 19.68 -11.52
C PRO F 394 -0.87 18.68 -10.93
N LYS F 395 -0.47 17.98 -9.87
CA LYS F 395 -1.42 17.03 -9.22
C LYS F 395 -2.67 17.69 -8.57
N LEU F 396 -2.53 18.83 -7.89
CA LEU F 396 -3.70 19.63 -7.51
C LEU F 396 -4.48 20.23 -8.69
N VAL F 397 -3.79 20.65 -9.75
CA VAL F 397 -4.51 21.22 -10.90
C VAL F 397 -5.45 20.10 -11.39
N ALA F 398 -4.89 18.90 -11.52
CA ALA F 398 -5.62 17.69 -11.92
C ALA F 398 -6.79 17.26 -11.02
N GLY F 399 -6.65 17.36 -9.70
CA GLY F 399 -7.82 17.15 -8.84
C GLY F 399 -8.98 18.02 -9.33
N ILE F 400 -8.70 19.29 -9.54
CA ILE F 400 -9.75 20.24 -9.83
C ILE F 400 -10.45 20.01 -11.17
N ILE F 401 -9.65 19.86 -12.20
CA ILE F 401 -10.15 19.66 -13.55
C ILE F 401 -10.87 18.30 -13.73
N ALA F 402 -10.32 17.25 -13.15
CA ALA F 402 -11.06 15.99 -13.12
C ALA F 402 -12.44 16.23 -12.52
N ASN F 403 -12.49 16.92 -11.40
CA ASN F 403 -13.71 16.94 -10.63
C ASN F 403 -14.69 17.92 -11.26
N VAL F 404 -14.18 19.05 -11.74
CA VAL F 404 -14.99 19.98 -12.49
C VAL F 404 -15.67 19.22 -13.63
N ASN F 405 -14.88 18.63 -14.51
CA ASN F 405 -15.39 17.78 -15.59
C ASN F 405 -16.33 16.68 -15.12
N ARG F 406 -16.01 16.02 -14.02
CA ARG F 406 -16.90 14.98 -13.55
C ARG F 406 -18.27 15.49 -13.07
N TYR F 407 -18.32 16.66 -12.41
CA TYR F 407 -19.59 17.18 -11.89
C TYR F 407 -20.10 18.37 -12.65
N GLY F 408 -19.57 18.55 -13.86
CA GLY F 408 -20.06 19.53 -14.83
C GLY F 408 -20.02 20.97 -14.36
N GLY F 409 -18.83 21.45 -13.99
CA GLY F 409 -18.62 22.86 -13.61
C GLY F 409 -18.24 23.77 -14.77
N TYR F 410 -17.69 24.94 -14.48
CA TYR F 410 -17.23 25.92 -15.46
C TYR F 410 -15.77 25.61 -15.87
N PRO F 411 -15.54 25.37 -17.17
CA PRO F 411 -14.18 24.94 -17.48
C PRO F 411 -13.18 26.04 -17.17
N ILE F 412 -12.00 25.62 -16.74
CA ILE F 412 -11.00 26.55 -16.34
C ILE F 412 -10.17 26.91 -17.57
N ASN F 413 -10.22 28.18 -17.96
CA ASN F 413 -9.69 28.66 -19.26
C ASN F 413 -8.38 29.46 -19.21
N PRO F 414 -7.23 28.83 -18.83
CA PRO F 414 -6.07 29.63 -18.42
C PRO F 414 -5.45 30.54 -19.47
N GLU F 415 -5.74 30.28 -20.76
CA GLU F 415 -5.37 31.20 -21.87
C GLU F 415 -6.13 32.53 -21.80
N GLY F 416 -7.40 32.48 -21.38
CA GLY F 416 -8.26 33.69 -21.18
C GLY F 416 -7.67 34.88 -20.40
N ASN F 417 -6.74 34.63 -19.47
CA ASN F 417 -6.21 35.71 -18.62
C ASN F 417 -4.92 35.49 -17.84
N ARG F 418 -4.14 36.56 -17.76
CA ARG F 418 -2.84 36.51 -17.12
C ARG F 418 -2.85 36.07 -15.64
N SER F 419 -4.02 36.00 -15.00
CA SER F 419 -3.94 35.69 -13.56
C SER F 419 -4.07 34.19 -13.28
N LEU F 420 -4.81 33.49 -14.12
CA LEU F 420 -4.76 32.06 -14.08
C LEU F 420 -3.43 31.50 -14.57
N GLN F 421 -2.71 32.19 -15.43
CA GLN F 421 -1.46 31.61 -15.95
C GLN F 421 -0.35 31.91 -14.99
N THR F 422 -0.66 32.72 -14.00
CA THR F 422 0.36 33.35 -13.19
C THR F 422 0.11 33.23 -11.68
N ASN F 423 -1.10 32.87 -11.26
CA ASN F 423 -1.27 32.57 -9.83
C ASN F 423 -1.63 31.13 -9.50
N PRO F 424 -1.26 30.70 -8.30
CA PRO F 424 -1.46 29.32 -7.87
C PRO F 424 -2.86 29.19 -7.32
N TRP F 425 -3.85 29.43 -8.18
CA TRP F 425 -5.27 29.24 -7.94
C TRP F 425 -5.66 27.81 -7.55
N PHE F 426 -4.70 26.90 -7.55
CA PHE F 426 -5.04 25.48 -7.45
C PHE F 426 -4.83 25.00 -6.04
N LEU F 427 -4.48 25.93 -5.15
CA LEU F 427 -4.01 25.53 -3.82
C LEU F 427 -5.15 25.23 -2.86
#